data_1HV9
#
_entry.id   1HV9
#
_cell.length_a   104.500
_cell.length_b   104.500
_cell.length_c   648.200
_cell.angle_alpha   90.00
_cell.angle_beta   90.00
_cell.angle_gamma   120.00
#
_symmetry.space_group_name_H-M   'H 3 2'
#
loop_
_entity.id
_entity.type
_entity.pdbx_description
1 polymer 'UDP-N-ACETYLGLUCOSAMINE PYROPHOSPHORYLASE'
2 non-polymer 'COBALT (II) ION'
3 non-polymer 'COENZYME A'
4 non-polymer URIDINE-DIPHOSPHATE-N-ACETYLGLUCOSAMINE
5 water water
#
_entity_poly.entity_id   1
_entity_poly.type   'polypeptide(L)'
_entity_poly.pdbx_seq_one_letter_code
;MLNNAMSVVILAAGKGTRMYSDLPKVLHTLAGKAMVQHVIDAANELGAAHVHLVYGHGGDLLKQALKDDNLNWVLQAEQL
GTGHAMQQAAPFFADDEDILMLYGDVPLISVETLQRLRDAKPQGGIGLLTVKLDDPTGYGRITRENGKVTGIVEHKDATD
EQRQIQEINTGILIANGADMKRWLAKLTNNNAQGEYYITDIIALAYQEGREIVAVHPQRLSEVEGVNNRLQLSRLERVYQ
SEQAEKLLLAGVMLRDPARFDLRGTLTHGRDVEIDTNVIIEGNVTLGHRVKIGTGCVIKNSVIGDDCEISPYTVVEDANL
AAACTIGPFARLRPGAELLEGAHVGNFVEMKKARLGKGSKAGHLTYLGDAEIGDNVNIGAGTITCNYDGANKFKTIIGDD
VFVGSDTQLVAPVTVGKGATIAAGTTVTRNVGENALAISRVPQTQKEGWRRPVKKK
;
_entity_poly.pdbx_strand_id   A,B
#
loop_
_chem_comp.id
_chem_comp.type
_chem_comp.name
_chem_comp.formula
CO non-polymer 'COBALT (II) ION' 'Co 2'
COA non-polymer 'COENZYME A' 'C21 H36 N7 O16 P3 S'
UD1 non-polymer URIDINE-DIPHOSPHATE-N-ACETYLGLUCOSAMINE 'C17 H27 N3 O17 P2'
#
# COMPACT_ATOMS: atom_id res chain seq x y z
N ASN A 4 32.62 67.01 -9.91
CA ASN A 4 31.74 67.88 -10.74
C ASN A 4 30.42 67.17 -11.06
N ALA A 5 29.57 67.83 -11.83
CA ALA A 5 28.29 67.25 -12.21
C ALA A 5 28.32 67.00 -13.71
N MET A 6 27.64 65.93 -14.14
CA MET A 6 27.60 65.59 -15.55
C MET A 6 26.52 64.60 -15.90
N SER A 7 25.91 64.81 -17.05
CA SER A 7 24.86 63.93 -17.54
C SER A 7 25.24 63.50 -18.96
N VAL A 8 24.74 62.34 -19.35
CA VAL A 8 25.03 61.80 -20.67
C VAL A 8 23.77 61.66 -21.51
N VAL A 9 23.90 61.90 -22.82
CA VAL A 9 22.81 61.75 -23.74
C VAL A 9 23.24 60.74 -24.78
N ILE A 10 22.44 59.72 -24.99
CA ILE A 10 22.78 58.69 -25.97
C ILE A 10 21.77 58.70 -27.09
N LEU A 11 22.25 58.97 -28.30
CA LEU A 11 21.39 59.00 -29.48
C LEU A 11 21.23 57.57 -29.95
N ALA A 12 19.99 57.08 -29.94
CA ALA A 12 19.72 55.73 -30.36
C ALA A 12 18.41 55.68 -31.13
N ALA A 13 18.10 56.77 -31.83
CA ALA A 13 16.85 56.83 -32.56
C ALA A 13 17.01 56.69 -34.05
N GLY A 14 18.21 56.34 -34.51
CA GLY A 14 18.43 56.20 -35.94
C GLY A 14 17.96 54.85 -36.46
N LYS A 15 17.74 54.77 -37.76
CA LYS A 15 17.29 53.53 -38.37
C LYS A 15 18.49 52.65 -38.73
N GLY A 16 18.39 51.35 -38.43
CA GLY A 16 19.47 50.44 -38.73
C GLY A 16 19.12 49.44 -39.81
N THR A 17 18.65 49.94 -40.95
CA THR A 17 18.20 49.11 -42.07
C THR A 17 19.21 48.14 -42.71
N ARG A 18 20.49 48.47 -42.69
CA ARG A 18 21.47 47.56 -43.30
C ARG A 18 21.78 46.35 -42.41
N MET A 19 20.98 46.18 -41.36
CA MET A 19 21.15 45.06 -40.47
C MET A 19 20.18 43.97 -40.88
N TYR A 20 19.12 44.35 -41.60
CA TYR A 20 18.12 43.39 -42.04
C TYR A 20 17.59 42.67 -40.81
N SER A 21 17.10 43.44 -39.84
CA SER A 21 16.60 42.85 -38.61
C SER A 21 15.26 43.41 -38.17
N ASP A 22 14.58 42.66 -37.31
CA ASP A 22 13.30 43.09 -36.76
C ASP A 22 13.54 43.51 -35.32
N LEU A 23 14.80 43.73 -34.99
CA LEU A 23 15.17 44.13 -33.65
C LEU A 23 15.94 45.46 -33.74
N PRO A 24 15.70 46.39 -32.81
CA PRO A 24 16.42 47.66 -32.89
C PRO A 24 17.91 47.42 -33.01
N LYS A 25 18.56 48.17 -33.88
CA LYS A 25 19.99 48.04 -34.12
C LYS A 25 20.85 48.07 -32.85
N VAL A 26 20.60 49.01 -31.95
CA VAL A 26 21.40 49.13 -30.73
C VAL A 26 21.20 48.02 -29.71
N LEU A 27 20.33 47.07 -30.03
CA LEU A 27 20.04 45.95 -29.15
C LEU A 27 20.83 44.73 -29.60
N HIS A 28 21.36 44.76 -30.81
CA HIS A 28 22.14 43.62 -31.27
C HIS A 28 23.36 43.59 -30.36
N THR A 29 23.63 42.41 -29.83
CA THR A 29 24.71 42.21 -28.88
C THR A 29 26.14 42.06 -29.39
N LEU A 30 27.06 42.37 -28.49
CA LEU A 30 28.50 42.26 -28.73
C LEU A 30 29.04 41.77 -27.40
N ALA A 31 29.71 40.62 -27.43
CA ALA A 31 30.28 40.03 -26.24
C ALA A 31 29.22 39.69 -25.19
N GLY A 32 28.04 39.29 -25.66
CA GLY A 32 26.99 38.91 -24.75
C GLY A 32 26.10 40.04 -24.23
N LYS A 33 26.21 41.22 -24.82
CA LYS A 33 25.36 42.28 -24.35
C LYS A 33 25.08 43.35 -25.39
N ALA A 34 23.88 43.92 -25.33
CA ALA A 34 23.43 44.94 -26.26
C ALA A 34 24.43 46.06 -26.45
N MET A 35 24.68 46.38 -27.71
CA MET A 35 25.60 47.46 -28.10
C MET A 35 25.42 48.66 -27.18
N VAL A 36 24.18 49.14 -27.08
CA VAL A 36 23.87 50.29 -26.25
C VAL A 36 24.08 50.07 -24.75
N GLN A 37 24.08 48.82 -24.30
CA GLN A 37 24.30 48.59 -22.90
C GLN A 37 25.75 48.90 -22.61
N HIS A 38 26.60 48.68 -23.61
CA HIS A 38 28.02 48.97 -23.49
C HIS A 38 28.24 50.45 -23.26
N VAL A 39 27.49 51.28 -23.98
CA VAL A 39 27.60 52.72 -23.87
C VAL A 39 27.08 53.22 -22.51
N ILE A 40 25.99 52.62 -22.04
CA ILE A 40 25.41 53.01 -20.77
C ILE A 40 26.37 52.65 -19.65
N ASP A 41 27.04 51.51 -19.78
CA ASP A 41 27.99 51.05 -18.78
C ASP A 41 29.13 52.05 -18.62
N ALA A 42 29.62 52.55 -19.75
CA ALA A 42 30.70 53.52 -19.74
C ALA A 42 30.19 54.83 -19.14
N ALA A 43 28.93 55.15 -19.44
CA ALA A 43 28.32 56.37 -18.93
C ALA A 43 28.23 56.34 -17.42
N ASN A 44 27.77 55.22 -16.87
CA ASN A 44 27.63 55.11 -15.43
C ASN A 44 28.97 54.95 -14.78
N GLU A 45 29.90 54.31 -15.48
CA GLU A 45 31.24 54.11 -14.96
C GLU A 45 31.99 55.44 -14.95
N LEU A 46 31.56 56.37 -15.80
CA LEU A 46 32.20 57.68 -15.87
C LEU A 46 31.62 58.57 -14.78
N GLY A 47 30.48 58.19 -14.24
CA GLY A 47 29.89 58.97 -13.18
C GLY A 47 28.68 59.78 -13.61
N ALA A 48 28.18 59.55 -14.81
CA ALA A 48 27.03 60.27 -15.30
C ALA A 48 25.96 60.26 -14.22
N ALA A 49 25.28 61.39 -14.03
CA ALA A 49 24.22 61.48 -13.03
C ALA A 49 22.95 60.97 -13.66
N HIS A 50 22.68 61.46 -14.87
CA HIS A 50 21.51 61.04 -15.60
C HIS A 50 21.97 60.54 -16.94
N VAL A 51 21.22 59.62 -17.50
CA VAL A 51 21.53 59.07 -18.79
C VAL A 51 20.25 59.23 -19.61
N HIS A 52 20.29 60.12 -20.59
CA HIS A 52 19.13 60.35 -21.44
C HIS A 52 19.23 59.56 -22.72
N LEU A 53 18.34 58.59 -22.85
CA LEU A 53 18.28 57.74 -24.02
C LEU A 53 17.29 58.37 -25.01
N VAL A 54 17.78 58.75 -26.18
CA VAL A 54 16.94 59.35 -27.20
C VAL A 54 16.67 58.22 -28.19
N TYR A 55 15.40 57.83 -28.32
CA TYR A 55 15.02 56.75 -29.21
C TYR A 55 13.91 57.17 -30.18
N GLY A 56 13.71 56.37 -31.22
CA GLY A 56 12.68 56.67 -32.19
C GLY A 56 11.58 55.62 -32.20
N HIS A 57 11.95 54.38 -32.47
CA HIS A 57 10.98 53.30 -32.50
C HIS A 57 11.49 52.07 -31.78
N GLY A 58 10.63 51.07 -31.66
CA GLY A 58 11.01 49.85 -30.98
C GLY A 58 11.21 50.18 -29.51
N GLY A 59 10.62 51.30 -29.10
CA GLY A 59 10.74 51.72 -27.71
C GLY A 59 10.30 50.63 -26.77
N ASP A 60 9.36 49.81 -27.22
CA ASP A 60 8.86 48.70 -26.42
C ASP A 60 9.98 47.70 -26.18
N LEU A 61 10.59 47.26 -27.27
CA LEU A 61 11.69 46.30 -27.18
C LEU A 61 12.85 46.91 -26.41
N LEU A 62 12.99 48.23 -26.48
CA LEU A 62 14.09 48.90 -25.79
C LEU A 62 13.89 48.91 -24.28
N LYS A 63 12.72 49.35 -23.83
CA LYS A 63 12.46 49.39 -22.38
C LYS A 63 12.50 48.00 -21.81
N GLN A 64 12.07 47.03 -22.60
CA GLN A 64 12.07 45.64 -22.15
C GLN A 64 13.49 45.20 -21.81
N ALA A 65 14.43 45.48 -22.71
CA ALA A 65 15.81 45.09 -22.50
C ALA A 65 16.66 46.02 -21.64
N LEU A 66 16.32 47.30 -21.60
CA LEU A 66 17.12 48.24 -20.81
C LEU A 66 16.43 48.63 -19.53
N LYS A 67 17.06 48.32 -18.40
CA LYS A 67 16.47 48.65 -17.11
C LYS A 67 17.50 49.14 -16.12
N ASP A 68 18.10 50.28 -16.47
CA ASP A 68 19.09 50.89 -15.61
C ASP A 68 18.29 51.97 -14.88
N ASP A 69 18.74 52.36 -13.69
CA ASP A 69 18.02 53.33 -12.90
C ASP A 69 18.11 54.77 -13.36
N ASN A 70 19.32 55.24 -13.66
CA ASN A 70 19.46 56.63 -14.11
C ASN A 70 19.01 56.85 -15.56
N LEU A 71 18.18 55.93 -16.07
CA LEU A 71 17.71 56.02 -17.47
C LEU A 71 16.48 56.87 -17.73
N ASN A 72 16.65 57.93 -18.53
CA ASN A 72 15.55 58.82 -18.88
C ASN A 72 15.27 58.69 -20.37
N TRP A 73 14.05 58.26 -20.70
CA TRP A 73 13.66 58.06 -22.08
C TRP A 73 13.15 59.29 -22.78
N VAL A 74 13.78 59.62 -23.91
CA VAL A 74 13.40 60.79 -24.68
C VAL A 74 13.05 60.32 -26.07
N LEU A 75 11.81 60.56 -26.47
CA LEU A 75 11.33 60.18 -27.78
C LEU A 75 11.67 61.24 -28.83
N GLN A 76 12.08 60.78 -30.01
CA GLN A 76 12.39 61.65 -31.13
C GLN A 76 11.52 61.01 -32.22
N ALA A 77 10.25 61.42 -32.26
CA ALA A 77 9.30 60.87 -33.22
C ALA A 77 9.83 60.93 -34.65
N GLU A 78 10.47 62.04 -34.98
CA GLU A 78 11.02 62.21 -36.32
C GLU A 78 12.52 62.44 -36.24
N GLN A 79 13.28 61.74 -37.09
CA GLN A 79 14.74 61.87 -37.11
C GLN A 79 15.15 62.96 -38.09
N LEU A 80 15.14 64.20 -37.61
CA LEU A 80 15.51 65.35 -38.42
C LEU A 80 16.96 65.76 -38.24
N GLY A 81 17.76 64.89 -37.64
CA GLY A 81 19.16 65.19 -37.43
C GLY A 81 19.58 65.10 -35.98
N THR A 82 20.89 64.95 -35.78
CA THR A 82 21.48 64.85 -34.44
C THR A 82 21.22 66.10 -33.59
N GLY A 83 21.26 67.26 -34.23
CA GLY A 83 21.03 68.51 -33.51
C GLY A 83 19.61 68.52 -32.99
N HIS A 84 18.69 68.03 -33.83
CA HIS A 84 17.27 67.98 -33.51
C HIS A 84 17.01 66.99 -32.37
N ALA A 85 17.75 65.88 -32.38
CA ALA A 85 17.61 64.87 -31.34
C ALA A 85 18.07 65.43 -29.99
N MET A 86 19.10 66.25 -30.01
CA MET A 86 19.63 66.85 -28.80
C MET A 86 18.64 67.89 -28.28
N GLN A 87 17.96 68.54 -29.21
CA GLN A 87 16.99 69.56 -28.88
C GLN A 87 15.89 68.98 -28.00
N GLN A 88 15.57 67.71 -28.24
CA GLN A 88 14.54 67.02 -27.49
C GLN A 88 14.99 66.77 -26.05
N ALA A 89 16.25 66.38 -25.89
CA ALA A 89 16.78 66.11 -24.58
C ALA A 89 17.16 67.38 -23.82
N ALA A 90 17.39 68.46 -24.56
CA ALA A 90 17.81 69.73 -23.95
C ALA A 90 17.05 70.15 -22.70
N PRO A 91 15.70 70.10 -22.74
CA PRO A 91 14.85 70.47 -21.60
C PRO A 91 15.28 69.90 -20.26
N PHE A 92 15.94 68.75 -20.27
CA PHE A 92 16.37 68.12 -19.02
C PHE A 92 17.81 68.41 -18.63
N PHE A 93 18.49 69.23 -19.41
CA PHE A 93 19.87 69.55 -19.08
C PHE A 93 19.88 70.52 -17.91
N ALA A 94 20.90 70.42 -17.07
CA ALA A 94 21.03 71.30 -15.91
C ALA A 94 22.08 72.34 -16.25
N ASP A 95 21.70 73.61 -16.11
CA ASP A 95 22.60 74.72 -16.42
C ASP A 95 23.96 74.53 -15.77
N ASP A 96 23.97 73.94 -14.58
CA ASP A 96 25.20 73.76 -13.84
C ASP A 96 25.90 72.42 -14.07
N GLU A 97 25.46 71.65 -15.07
CA GLU A 97 26.08 70.36 -15.32
C GLU A 97 26.65 70.24 -16.70
N ASP A 98 27.66 69.40 -16.84
CA ASP A 98 28.30 69.13 -18.12
C ASP A 98 27.43 68.12 -18.84
N ILE A 99 27.37 68.21 -20.16
CA ILE A 99 26.59 67.27 -20.94
C ILE A 99 27.49 66.57 -21.95
N LEU A 100 27.59 65.26 -21.84
CA LEU A 100 28.41 64.48 -22.76
C LEU A 100 27.48 63.76 -23.72
N MET A 101 27.77 63.87 -25.02
CA MET A 101 26.95 63.24 -26.05
C MET A 101 27.61 61.99 -26.59
N LEU A 102 26.85 60.91 -26.71
CA LEU A 102 27.40 59.66 -27.23
C LEU A 102 26.44 59.02 -28.21
N TYR A 103 26.95 58.05 -28.95
CA TYR A 103 26.16 57.32 -29.94
C TYR A 103 25.88 55.92 -29.39
N GLY A 104 24.66 55.43 -29.61
CA GLY A 104 24.32 54.13 -29.12
C GLY A 104 24.88 53.02 -29.98
N ASP A 105 25.46 53.38 -31.13
CA ASP A 105 26.01 52.35 -32.01
C ASP A 105 27.53 52.41 -32.11
N VAL A 106 28.17 52.99 -31.10
CA VAL A 106 29.62 53.10 -31.02
C VAL A 106 29.93 52.54 -29.63
N PRO A 107 29.89 51.20 -29.48
CA PRO A 107 30.11 50.41 -28.27
C PRO A 107 31.46 50.35 -27.58
N LEU A 108 32.54 50.49 -28.34
CA LEU A 108 33.87 50.36 -27.75
C LEU A 108 34.51 51.60 -27.15
N ILE A 109 33.88 52.76 -27.26
CA ILE A 109 34.44 53.98 -26.68
C ILE A 109 34.88 53.65 -25.24
N SER A 110 36.07 54.09 -24.84
CA SER A 110 36.54 53.80 -23.50
C SER A 110 36.34 54.93 -22.49
N VAL A 111 36.24 54.56 -21.23
CA VAL A 111 36.06 55.52 -20.16
C VAL A 111 37.30 56.38 -20.01
N GLU A 112 38.48 55.77 -20.18
CA GLU A 112 39.72 56.54 -20.08
C GLU A 112 39.71 57.68 -21.10
N THR A 113 39.31 57.41 -22.33
CA THR A 113 39.29 58.46 -23.35
C THR A 113 38.21 59.49 -23.02
N LEU A 114 37.10 59.04 -22.45
CA LEU A 114 36.03 59.94 -22.10
C LEU A 114 36.44 60.81 -20.92
N GLN A 115 37.29 60.26 -20.04
CA GLN A 115 37.77 61.00 -18.89
C GLN A 115 38.72 62.07 -19.38
N ARG A 116 39.51 61.73 -20.40
CA ARG A 116 40.48 62.64 -21.00
C ARG A 116 39.71 63.83 -21.59
N LEU A 117 38.68 63.53 -22.38
CA LEU A 117 37.87 64.58 -23.00
C LEU A 117 37.30 65.48 -21.92
N ARG A 118 36.83 64.85 -20.84
CA ARG A 118 36.26 65.56 -19.70
C ARG A 118 37.20 66.64 -19.19
N ASP A 119 38.40 66.25 -18.80
CA ASP A 119 39.37 67.19 -18.27
C ASP A 119 39.87 68.23 -19.26
N ALA A 120 39.61 68.04 -20.55
CA ALA A 120 40.11 68.99 -21.54
C ALA A 120 39.13 70.12 -21.83
N LYS A 121 37.85 69.83 -21.69
CA LYS A 121 36.85 70.84 -21.98
C LYS A 121 37.21 72.18 -21.35
N PRO A 122 37.37 73.22 -22.18
CA PRO A 122 37.72 74.55 -21.67
C PRO A 122 36.56 75.07 -20.86
N GLN A 123 36.84 76.00 -19.94
CA GLN A 123 35.77 76.55 -19.14
C GLN A 123 34.87 77.35 -20.09
N GLY A 124 33.59 76.99 -20.15
CA GLY A 124 32.67 77.68 -21.03
C GLY A 124 32.84 77.27 -22.49
N GLY A 125 33.81 76.39 -22.76
CA GLY A 125 34.03 75.94 -24.11
C GLY A 125 33.41 74.59 -24.46
N ILE A 126 34.11 73.83 -25.29
CA ILE A 126 33.61 72.54 -25.72
C ILE A 126 34.74 71.54 -25.83
N GLY A 127 34.46 70.31 -25.43
CA GLY A 127 35.46 69.27 -25.56
C GLY A 127 35.00 68.48 -26.75
N LEU A 128 35.86 68.31 -27.75
CA LEU A 128 35.49 67.56 -28.94
C LEU A 128 36.49 66.46 -29.20
N LEU A 129 35.98 65.29 -29.62
CA LEU A 129 36.86 64.16 -29.89
C LEU A 129 37.08 64.01 -31.38
N THR A 130 38.32 64.03 -31.81
CA THR A 130 38.60 63.90 -33.23
C THR A 130 39.67 62.85 -33.52
N VAL A 131 39.58 62.32 -34.73
CA VAL A 131 40.53 61.31 -35.19
C VAL A 131 40.93 61.73 -36.59
N LYS A 132 42.15 61.38 -36.99
CA LYS A 132 42.61 61.67 -38.34
C LYS A 132 42.45 60.33 -39.04
N LEU A 133 41.80 60.32 -40.20
CA LEU A 133 41.59 59.09 -40.94
C LEU A 133 42.25 59.14 -42.31
N ASP A 134 42.63 57.97 -42.82
CA ASP A 134 43.27 57.88 -44.12
C ASP A 134 42.27 58.36 -45.15
N ASP A 135 41.08 57.76 -45.15
CA ASP A 135 40.01 58.15 -46.07
C ASP A 135 38.90 58.80 -45.24
N PRO A 136 38.90 60.14 -45.16
CA PRO A 136 37.89 60.86 -44.37
C PRO A 136 36.52 61.02 -45.04
N THR A 137 36.25 60.25 -46.09
CA THR A 137 34.98 60.40 -46.78
C THR A 137 33.77 60.11 -45.90
N GLY A 138 32.75 60.95 -46.03
CA GLY A 138 31.54 60.77 -45.26
C GLY A 138 31.51 61.43 -43.90
N TYR A 139 32.68 61.72 -43.33
CA TYR A 139 32.75 62.32 -42.00
C TYR A 139 32.78 63.84 -41.95
N GLY A 140 32.26 64.40 -40.85
CA GLY A 140 32.27 65.83 -40.69
C GLY A 140 33.73 66.25 -40.61
N ARG A 141 34.10 67.28 -41.37
CA ARG A 141 35.48 67.77 -41.43
C ARG A 141 35.76 68.89 -40.41
N ILE A 142 36.90 68.80 -39.73
CA ILE A 142 37.29 69.78 -38.71
C ILE A 142 38.10 70.95 -39.26
N THR A 143 37.53 72.16 -39.22
CA THR A 143 38.24 73.33 -39.71
C THR A 143 38.88 74.10 -38.56
N ARG A 144 40.15 74.44 -38.74
CA ARG A 144 40.90 75.19 -37.74
C ARG A 144 41.47 76.43 -38.40
N GLU A 145 41.71 77.46 -37.59
CA GLU A 145 42.29 78.71 -38.07
C GLU A 145 43.46 78.99 -37.16
N ASN A 146 44.63 79.18 -37.73
CA ASN A 146 45.79 79.44 -36.90
C ASN A 146 45.89 78.34 -35.84
N GLY A 147 45.54 77.12 -36.22
CA GLY A 147 45.63 75.99 -35.31
C GLY A 147 44.50 75.78 -34.33
N LYS A 148 43.45 76.61 -34.43
CA LYS A 148 42.31 76.48 -33.52
C LYS A 148 41.04 76.03 -34.20
N VAL A 149 40.40 75.03 -33.60
CA VAL A 149 39.14 74.48 -34.10
C VAL A 149 38.11 75.61 -34.17
N THR A 150 37.61 75.89 -35.37
CA THR A 150 36.63 76.95 -35.51
C THR A 150 35.30 76.42 -36.03
N GLY A 151 35.19 75.10 -36.17
CA GLY A 151 33.95 74.54 -36.65
C GLY A 151 34.11 73.17 -37.29
N ILE A 152 33.00 72.67 -37.83
CA ILE A 152 32.96 71.36 -38.47
C ILE A 152 32.16 71.50 -39.75
N VAL A 153 32.69 70.98 -40.85
CA VAL A 153 31.99 71.05 -42.13
C VAL A 153 31.58 69.65 -42.52
N GLU A 154 30.28 69.40 -42.58
CA GLU A 154 29.80 68.07 -42.95
C GLU A 154 30.25 67.76 -44.36
N HIS A 155 30.49 66.48 -44.61
CA HIS A 155 30.96 66.02 -45.90
C HIS A 155 30.14 66.52 -47.08
N LYS A 156 28.83 66.57 -46.90
CA LYS A 156 27.96 67.02 -47.97
C LYS A 156 28.19 68.49 -48.30
N ASP A 157 28.56 69.29 -47.29
CA ASP A 157 28.76 70.71 -47.46
C ASP A 157 30.18 71.17 -47.73
N ALA A 158 31.17 70.36 -47.37
CA ALA A 158 32.55 70.77 -47.59
C ALA A 158 32.81 70.99 -49.07
N THR A 159 33.85 71.76 -49.37
CA THR A 159 34.24 72.03 -50.74
C THR A 159 35.34 71.00 -51.06
N ASP A 160 35.65 70.82 -52.33
CA ASP A 160 36.69 69.88 -52.70
C ASP A 160 37.91 70.08 -51.83
N GLU A 161 38.22 71.34 -51.55
CA GLU A 161 39.38 71.67 -50.74
C GLU A 161 39.21 71.23 -49.29
N GLN A 162 38.06 71.52 -48.70
CA GLN A 162 37.86 71.13 -47.32
C GLN A 162 37.79 69.60 -47.21
N ARG A 163 37.37 68.95 -48.28
CA ARG A 163 37.26 67.50 -48.26
C ARG A 163 38.63 66.86 -48.13
N GLN A 164 39.67 67.67 -48.28
CA GLN A 164 41.04 67.19 -48.17
C GLN A 164 41.47 67.06 -46.71
N ILE A 165 40.75 67.74 -45.81
CA ILE A 165 41.09 67.69 -44.39
C ILE A 165 40.85 66.26 -43.85
N GLN A 166 41.87 65.67 -43.22
CA GLN A 166 41.74 64.31 -42.70
C GLN A 166 41.35 64.18 -41.23
N GLU A 167 41.33 65.31 -40.52
CA GLU A 167 40.93 65.28 -39.12
C GLU A 167 39.40 65.33 -39.16
N ILE A 168 38.75 64.30 -38.61
CA ILE A 168 37.30 64.23 -38.63
C ILE A 168 36.62 64.17 -37.26
N ASN A 169 35.37 64.61 -37.23
CA ASN A 169 34.58 64.61 -36.02
C ASN A 169 34.09 63.20 -35.76
N THR A 170 34.31 62.70 -34.55
CA THR A 170 33.85 61.36 -34.20
C THR A 170 32.40 61.40 -33.75
N GLY A 171 31.94 62.57 -33.33
CA GLY A 171 30.56 62.72 -32.86
C GLY A 171 30.42 62.92 -31.37
N ILE A 172 31.47 62.65 -30.62
CA ILE A 172 31.44 62.79 -29.18
C ILE A 172 31.94 64.14 -28.73
N LEU A 173 31.14 64.80 -27.90
CA LEU A 173 31.54 66.11 -27.39
C LEU A 173 30.90 66.38 -26.04
N ILE A 174 31.52 67.27 -25.28
CA ILE A 174 31.03 67.64 -23.97
C ILE A 174 31.00 69.15 -23.82
N ALA A 175 29.96 69.67 -23.19
CA ALA A 175 29.83 71.12 -22.98
C ALA A 175 28.97 71.33 -21.75
N ASN A 176 28.71 72.59 -21.41
CA ASN A 176 27.88 72.88 -20.24
C ASN A 176 26.41 72.93 -20.65
N GLY A 177 25.54 72.55 -19.71
CA GLY A 177 24.11 72.51 -19.97
C GLY A 177 23.50 73.80 -20.51
N ALA A 178 23.82 74.91 -19.85
CA ALA A 178 23.33 76.23 -20.24
C ALA A 178 23.81 76.57 -21.64
N ASP A 179 25.13 76.47 -21.85
CA ASP A 179 25.69 76.76 -23.15
C ASP A 179 24.96 75.94 -24.20
N MET A 180 24.99 74.62 -24.04
CA MET A 180 24.32 73.73 -24.98
C MET A 180 22.93 74.20 -25.32
N LYS A 181 22.20 74.66 -24.30
CA LYS A 181 20.83 75.12 -24.48
C LYS A 181 20.69 76.38 -25.33
N ARG A 182 21.60 77.34 -25.18
CA ARG A 182 21.54 78.57 -25.97
C ARG A 182 21.88 78.31 -27.43
N TRP A 183 22.88 77.47 -27.64
CA TRP A 183 23.32 77.14 -28.99
C TRP A 183 22.28 76.30 -29.73
N LEU A 184 21.76 75.29 -29.03
CA LEU A 184 20.78 74.39 -29.58
C LEU A 184 19.54 75.12 -30.08
N ALA A 185 19.19 76.20 -29.39
CA ALA A 185 18.01 76.98 -29.75
C ALA A 185 18.20 77.79 -31.01
N LYS A 186 19.47 78.01 -31.38
CA LYS A 186 19.79 78.81 -32.55
C LYS A 186 20.06 77.99 -33.80
N LEU A 187 19.74 76.70 -33.77
CA LEU A 187 19.97 75.86 -34.94
C LEU A 187 18.88 75.97 -36.00
N THR A 188 19.32 75.99 -37.25
CA THR A 188 18.45 76.07 -38.41
C THR A 188 18.86 74.90 -39.28
N ASN A 189 18.08 74.60 -40.30
CA ASN A 189 18.43 73.49 -41.19
C ASN A 189 18.66 73.87 -42.64
N ASN A 190 19.35 74.99 -42.87
CA ASN A 190 19.65 75.39 -44.25
C ASN A 190 20.94 74.69 -44.61
N ASN A 191 20.85 73.53 -45.26
CA ASN A 191 22.06 72.84 -45.61
C ASN A 191 21.84 71.71 -46.58
N ALA A 192 22.95 71.10 -47.00
CA ALA A 192 22.90 70.00 -47.96
C ALA A 192 21.86 68.97 -47.60
N GLN A 193 21.98 68.42 -46.40
CA GLN A 193 21.05 67.40 -45.96
C GLN A 193 19.66 67.93 -45.66
N GLY A 194 19.58 69.21 -45.35
CA GLY A 194 18.29 69.79 -45.02
C GLY A 194 17.83 69.34 -43.64
N GLU A 195 18.78 69.20 -42.71
CA GLU A 195 18.48 68.79 -41.33
C GLU A 195 19.21 69.63 -40.29
N TYR A 196 18.97 69.30 -39.02
CA TYR A 196 19.58 70.00 -37.89
C TYR A 196 20.89 69.35 -37.40
N TYR A 197 22.01 69.98 -37.76
CA TYR A 197 23.35 69.51 -37.40
C TYR A 197 23.77 69.92 -35.99
N ILE A 198 24.02 68.96 -35.11
CA ILE A 198 24.46 69.30 -33.75
C ILE A 198 25.86 69.86 -33.90
N THR A 199 26.46 69.58 -35.05
CA THR A 199 27.81 70.02 -35.34
C THR A 199 27.96 71.54 -35.52
N ASP A 200 26.86 72.22 -35.76
CA ASP A 200 26.91 73.66 -35.93
C ASP A 200 27.29 74.38 -34.63
N ILE A 201 26.88 73.82 -33.49
CA ILE A 201 27.19 74.46 -32.22
C ILE A 201 28.65 74.80 -32.05
N ILE A 202 29.52 74.13 -32.79
CA ILE A 202 30.95 74.39 -32.71
C ILE A 202 31.23 75.81 -33.21
N ALA A 203 30.58 76.18 -34.31
CA ALA A 203 30.73 77.50 -34.90
C ALA A 203 30.11 78.54 -33.98
N LEU A 204 28.87 78.31 -33.58
CA LEU A 204 28.17 79.22 -32.69
C LEU A 204 29.00 79.53 -31.46
N ALA A 205 29.60 78.51 -30.87
CA ALA A 205 30.41 78.72 -29.69
C ALA A 205 31.66 79.55 -30.01
N TYR A 206 32.27 79.27 -31.16
CA TYR A 206 33.47 79.98 -31.54
C TYR A 206 33.25 81.48 -31.71
N GLN A 207 32.17 81.85 -32.39
CA GLN A 207 31.89 83.27 -32.59
C GLN A 207 31.30 83.94 -31.36
N GLU A 208 31.22 83.18 -30.28
CA GLU A 208 30.71 83.72 -29.04
C GLU A 208 31.94 84.00 -28.21
N GLY A 209 33.08 83.62 -28.76
CA GLY A 209 34.36 83.82 -28.09
C GLY A 209 34.85 82.59 -27.35
N ARG A 210 33.99 81.59 -27.21
CA ARG A 210 34.36 80.36 -26.50
C ARG A 210 35.43 79.57 -27.25
N GLU A 211 36.04 78.59 -26.58
CA GLU A 211 37.05 77.79 -27.25
C GLU A 211 36.74 76.30 -27.25
N ILE A 212 37.06 75.65 -28.36
CA ILE A 212 36.82 74.23 -28.54
C ILE A 212 38.14 73.46 -28.54
N VAL A 213 38.25 72.47 -27.68
CA VAL A 213 39.47 71.68 -27.59
C VAL A 213 39.24 70.30 -28.17
N ALA A 214 40.21 69.80 -28.93
CA ALA A 214 40.08 68.48 -29.53
C ALA A 214 41.09 67.50 -28.98
N VAL A 215 40.58 66.42 -28.40
CA VAL A 215 41.42 65.37 -27.86
C VAL A 215 41.17 64.18 -28.77
N HIS A 216 42.10 63.23 -28.80
CA HIS A 216 41.96 62.07 -29.66
C HIS A 216 41.84 60.78 -28.88
N PRO A 217 41.22 59.76 -29.49
CA PRO A 217 41.07 58.47 -28.81
C PRO A 217 42.37 57.69 -28.83
N GLN A 218 42.44 56.69 -27.97
CA GLN A 218 43.62 55.84 -27.87
C GLN A 218 43.71 54.92 -29.09
N ARG A 219 42.57 54.45 -29.58
CA ARG A 219 42.53 53.57 -30.72
C ARG A 219 41.35 53.90 -31.63
N LEU A 220 41.48 53.61 -32.91
CA LEU A 220 40.42 53.90 -33.86
C LEU A 220 39.11 53.17 -33.56
N SER A 221 39.21 51.89 -33.21
CA SER A 221 38.02 51.10 -32.93
C SER A 221 37.18 51.68 -31.81
N GLU A 222 37.80 52.52 -30.98
CA GLU A 222 37.13 53.18 -29.87
C GLU A 222 35.94 53.99 -30.32
N VAL A 223 36.04 54.59 -31.51
CA VAL A 223 34.98 55.42 -32.04
C VAL A 223 34.39 54.93 -33.35
N GLU A 224 34.46 53.63 -33.58
CA GLU A 224 33.89 53.07 -34.78
C GLU A 224 32.41 52.77 -34.54
N GLY A 225 31.57 53.13 -35.51
CA GLY A 225 30.15 52.90 -35.39
C GLY A 225 29.70 51.65 -36.11
N VAL A 226 28.59 51.07 -35.67
CA VAL A 226 28.07 49.86 -36.30
C VAL A 226 26.80 50.11 -37.11
N ASN A 227 26.90 49.88 -38.42
CA ASN A 227 25.79 50.08 -39.34
C ASN A 227 25.32 48.78 -39.97
N ASN A 228 26.11 47.72 -39.84
CA ASN A 228 25.73 46.41 -40.39
C ASN A 228 26.40 45.31 -39.58
N ARG A 229 26.00 44.06 -39.82
CA ARG A 229 26.54 42.94 -39.05
C ARG A 229 27.99 42.56 -39.30
N LEU A 230 28.56 43.00 -40.42
CA LEU A 230 29.97 42.73 -40.70
C LEU A 230 30.79 43.59 -39.76
N GLN A 231 30.39 44.85 -39.62
CA GLN A 231 31.08 45.79 -38.74
C GLN A 231 30.94 45.36 -37.27
N LEU A 232 29.82 44.75 -36.93
CA LEU A 232 29.60 44.28 -35.56
C LEU A 232 30.55 43.11 -35.30
N SER A 233 30.67 42.25 -36.30
CA SER A 233 31.55 41.10 -36.24
C SER A 233 32.98 41.54 -35.99
N ARG A 234 33.41 42.52 -36.76
CA ARG A 234 34.77 43.05 -36.67
C ARG A 234 35.07 43.54 -35.26
N LEU A 235 34.16 44.33 -34.71
CA LEU A 235 34.32 44.89 -33.38
C LEU A 235 34.31 43.80 -32.31
N GLU A 236 33.53 42.76 -32.53
CA GLU A 236 33.49 41.67 -31.57
C GLU A 236 34.88 41.05 -31.41
N ARG A 237 35.59 40.89 -32.53
CA ARG A 237 36.92 40.31 -32.49
C ARG A 237 37.91 41.25 -31.84
N VAL A 238 37.73 42.55 -32.09
CA VAL A 238 38.61 43.53 -31.49
C VAL A 238 38.45 43.38 -29.98
N TYR A 239 37.21 43.42 -29.51
CA TYR A 239 36.89 43.30 -28.11
C TYR A 239 37.45 42.03 -27.47
N GLN A 240 37.27 40.90 -28.14
CA GLN A 240 37.76 39.63 -27.62
C GLN A 240 39.27 39.62 -27.56
N SER A 241 39.93 40.25 -28.53
CA SER A 241 41.38 40.29 -28.55
C SER A 241 41.92 41.10 -27.38
N GLU A 242 41.19 42.15 -27.01
CA GLU A 242 41.59 42.98 -25.89
C GLU A 242 41.42 42.19 -24.61
N GLN A 243 40.27 41.55 -24.49
CA GLN A 243 39.99 40.77 -23.30
C GLN A 243 41.09 39.75 -23.12
N ALA A 244 41.36 38.97 -24.16
CA ALA A 244 42.39 37.93 -24.11
C ALA A 244 43.74 38.47 -23.64
N GLU A 245 44.16 39.58 -24.23
CA GLU A 245 45.44 40.18 -23.85
C GLU A 245 45.49 40.45 -22.35
N LYS A 246 44.47 41.11 -21.82
CA LYS A 246 44.42 41.42 -20.40
C LYS A 246 44.61 40.16 -19.55
N LEU A 247 43.87 39.12 -19.88
CA LEU A 247 43.96 37.87 -19.13
C LEU A 247 45.34 37.26 -19.18
N LEU A 248 45.94 37.24 -20.37
CA LEU A 248 47.27 36.70 -20.55
C LEU A 248 48.25 37.46 -19.66
N LEU A 249 48.19 38.78 -19.73
CA LEU A 249 49.08 39.61 -18.93
C LEU A 249 48.79 39.51 -17.45
N ALA A 250 47.60 39.03 -17.11
CA ALA A 250 47.21 38.90 -15.70
C ALA A 250 47.53 37.53 -15.15
N GLY A 251 48.18 36.68 -15.94
CA GLY A 251 48.54 35.36 -15.47
C GLY A 251 47.69 34.19 -15.93
N VAL A 252 46.70 34.45 -16.77
CA VAL A 252 45.84 33.39 -17.27
C VAL A 252 46.40 32.90 -18.59
N MET A 253 46.70 31.61 -18.68
CA MET A 253 47.24 31.05 -19.90
C MET A 253 46.15 30.61 -20.87
N LEU A 254 46.18 31.17 -22.07
CA LEU A 254 45.22 30.82 -23.10
C LEU A 254 46.01 30.13 -24.20
N ARG A 255 45.65 28.89 -24.52
CA ARG A 255 46.33 28.10 -25.56
C ARG A 255 46.24 28.74 -26.94
N ASP A 256 45.20 29.55 -27.17
CA ASP A 256 45.05 30.26 -28.43
C ASP A 256 44.13 31.42 -28.18
N PRO A 257 44.71 32.61 -27.97
CA PRO A 257 43.94 33.83 -27.71
C PRO A 257 42.91 34.17 -28.79
N ALA A 258 43.07 33.58 -29.97
CA ALA A 258 42.14 33.85 -31.06
C ALA A 258 40.94 32.94 -30.96
N ARG A 259 41.07 31.89 -30.17
CA ARG A 259 39.99 30.94 -29.99
C ARG A 259 39.56 30.92 -28.53
N PHE A 260 39.09 32.06 -28.08
CA PHE A 260 38.63 32.22 -26.72
C PHE A 260 37.57 33.30 -26.76
N ASP A 261 36.51 33.15 -25.98
CA ASP A 261 35.45 34.14 -25.98
C ASP A 261 34.97 34.35 -24.56
N LEU A 262 35.00 35.60 -24.13
CA LEU A 262 34.56 36.00 -22.81
C LEU A 262 33.35 36.89 -22.97
N ARG A 263 32.19 36.38 -22.57
CA ARG A 263 30.95 37.13 -22.67
C ARG A 263 30.35 37.32 -21.30
N GLY A 264 31.11 37.95 -20.43
CA GLY A 264 30.67 38.20 -19.08
C GLY A 264 31.87 38.60 -18.25
N THR A 265 31.89 38.18 -17.00
CA THR A 265 32.99 38.54 -16.11
C THR A 265 33.71 37.33 -15.54
N LEU A 266 35.04 37.36 -15.61
CA LEU A 266 35.84 36.26 -15.11
C LEU A 266 36.77 36.64 -13.96
N THR A 267 36.57 36.00 -12.82
CA THR A 267 37.42 36.20 -11.67
C THR A 267 38.30 34.96 -11.71
N HIS A 268 39.53 35.04 -11.23
CA HIS A 268 40.41 33.89 -11.33
C HIS A 268 41.55 33.88 -10.33
N GLY A 269 42.14 32.72 -10.14
CA GLY A 269 43.27 32.60 -9.24
C GLY A 269 44.51 32.54 -10.09
N ARG A 270 45.55 31.87 -9.60
CA ARG A 270 46.80 31.76 -10.35
C ARG A 270 46.89 30.46 -11.12
N ASP A 271 47.78 30.43 -12.10
CA ASP A 271 48.03 29.25 -12.91
C ASP A 271 46.80 28.60 -13.54
N VAL A 272 45.80 29.40 -13.92
CA VAL A 272 44.62 28.85 -14.57
C VAL A 272 45.02 28.63 -16.02
N GLU A 273 44.65 27.50 -16.59
CA GLU A 273 44.99 27.22 -17.98
C GLU A 273 43.75 26.92 -18.80
N ILE A 274 43.60 27.64 -19.90
CA ILE A 274 42.44 27.49 -20.76
C ILE A 274 42.83 27.09 -22.18
N ASP A 275 42.30 25.95 -22.64
CA ASP A 275 42.62 25.48 -23.97
C ASP A 275 41.80 26.17 -25.05
N THR A 276 41.90 25.68 -26.27
CA THR A 276 41.21 26.25 -27.42
C THR A 276 39.70 26.14 -27.39
N ASN A 277 39.05 27.13 -28.02
CA ASN A 277 37.61 27.21 -28.18
C ASN A 277 36.73 27.15 -26.93
N VAL A 278 37.14 27.83 -25.88
CA VAL A 278 36.38 27.85 -24.65
C VAL A 278 35.56 29.13 -24.62
N ILE A 279 34.33 29.04 -24.12
CA ILE A 279 33.47 30.21 -24.03
C ILE A 279 33.08 30.44 -22.57
N ILE A 280 33.27 31.66 -22.09
CA ILE A 280 32.92 32.02 -20.72
C ILE A 280 31.74 33.00 -20.74
N GLU A 281 30.63 32.65 -20.11
CA GLU A 281 29.47 33.54 -20.10
C GLU A 281 28.98 33.88 -18.70
N GLY A 282 28.37 35.04 -18.57
CA GLY A 282 27.87 35.46 -17.28
C GLY A 282 29.03 35.63 -16.32
N ASN A 283 28.78 35.41 -15.04
CA ASN A 283 29.80 35.55 -14.02
C ASN A 283 30.46 34.22 -13.66
N VAL A 284 31.75 34.11 -13.95
CA VAL A 284 32.48 32.88 -13.68
C VAL A 284 33.69 33.14 -12.79
N THR A 285 33.81 32.30 -11.77
CA THR A 285 34.89 32.38 -10.80
C THR A 285 35.71 31.11 -10.85
N LEU A 286 37.01 31.25 -11.06
CA LEU A 286 37.90 30.10 -11.12
C LEU A 286 38.94 30.17 -10.02
N GLY A 287 39.11 29.08 -9.27
CA GLY A 287 40.09 29.05 -8.21
C GLY A 287 41.49 28.93 -8.78
N HIS A 288 42.44 28.48 -7.97
CA HIS A 288 43.82 28.32 -8.43
C HIS A 288 44.03 27.03 -9.20
N ARG A 289 44.92 27.09 -10.18
CA ARG A 289 45.28 25.94 -10.98
C ARG A 289 44.16 25.17 -11.66
N VAL A 290 43.11 25.87 -12.07
CA VAL A 290 42.00 25.21 -12.75
C VAL A 290 42.42 24.97 -14.20
N LYS A 291 42.11 23.80 -14.72
CA LYS A 291 42.44 23.46 -16.10
C LYS A 291 41.15 23.27 -16.85
N ILE A 292 40.99 23.97 -17.96
CA ILE A 292 39.78 23.86 -18.76
C ILE A 292 40.14 23.38 -20.16
N GLY A 293 39.72 22.17 -20.49
CA GLY A 293 40.01 21.60 -21.79
C GLY A 293 39.30 22.28 -22.95
N THR A 294 39.67 21.89 -24.15
CA THR A 294 39.11 22.45 -25.37
C THR A 294 37.60 22.31 -25.51
N GLY A 295 36.99 23.32 -26.11
CA GLY A 295 35.56 23.31 -26.37
C GLY A 295 34.58 23.44 -25.22
N CYS A 296 35.05 23.79 -24.03
CA CYS A 296 34.14 23.93 -22.91
C CYS A 296 33.35 25.23 -22.93
N VAL A 297 32.12 25.17 -22.44
CA VAL A 297 31.25 26.35 -22.35
C VAL A 297 30.91 26.43 -20.88
N ILE A 298 31.34 27.50 -20.24
CA ILE A 298 31.12 27.69 -18.83
C ILE A 298 30.32 28.96 -18.60
N LYS A 299 29.16 28.80 -17.97
CA LYS A 299 28.31 29.94 -17.73
C LYS A 299 27.86 30.07 -16.29
N ASN A 300 28.02 31.27 -15.74
CA ASN A 300 27.59 31.54 -14.38
C ASN A 300 27.94 30.45 -13.37
N SER A 301 29.20 30.07 -13.29
CA SER A 301 29.58 29.02 -12.36
C SER A 301 30.76 29.34 -11.47
N VAL A 302 30.91 28.54 -10.43
CA VAL A 302 32.01 28.69 -9.50
C VAL A 302 32.80 27.41 -9.59
N ILE A 303 34.10 27.55 -9.79
CA ILE A 303 34.97 26.41 -9.92
C ILE A 303 36.15 26.54 -8.98
N GLY A 304 36.23 25.65 -8.00
CA GLY A 304 37.29 25.69 -7.01
C GLY A 304 38.70 25.29 -7.45
N ASP A 305 39.66 25.50 -6.57
CA ASP A 305 41.06 25.18 -6.83
C ASP A 305 41.23 23.81 -7.41
N ASP A 306 42.25 23.66 -8.24
CA ASP A 306 42.64 22.40 -8.86
C ASP A 306 41.62 21.57 -9.63
N CYS A 307 40.54 22.19 -10.09
CA CYS A 307 39.55 21.46 -10.85
C CYS A 307 40.03 21.20 -12.28
N GLU A 308 39.62 20.07 -12.84
CA GLU A 308 40.01 19.72 -14.19
C GLU A 308 38.77 19.50 -15.03
N ILE A 309 38.49 20.44 -15.93
CA ILE A 309 37.32 20.31 -16.80
C ILE A 309 37.83 19.76 -18.12
N SER A 310 37.36 18.57 -18.48
CA SER A 310 37.80 17.94 -19.71
C SER A 310 37.09 18.50 -20.93
N PRO A 311 37.61 18.23 -22.13
CA PRO A 311 37.02 18.73 -23.37
C PRO A 311 35.53 18.55 -23.52
N TYR A 312 34.92 19.45 -24.27
CA TYR A 312 33.50 19.41 -24.57
C TYR A 312 32.59 19.15 -23.37
N THR A 313 32.70 20.03 -22.40
CA THR A 313 31.90 19.94 -21.19
C THR A 313 31.12 21.25 -21.11
N VAL A 314 29.83 21.16 -20.81
CA VAL A 314 28.97 22.33 -20.69
C VAL A 314 28.52 22.48 -19.25
N VAL A 315 28.82 23.63 -18.65
CA VAL A 315 28.47 23.90 -17.26
C VAL A 315 27.63 25.18 -17.09
N GLU A 316 26.46 25.04 -16.48
CA GLU A 316 25.62 26.21 -16.25
C GLU A 316 25.11 26.34 -14.83
N ASP A 317 25.42 27.47 -14.20
CA ASP A 317 24.97 27.71 -12.83
C ASP A 317 25.34 26.55 -11.94
N ALA A 318 26.59 26.13 -12.04
CA ALA A 318 27.08 25.03 -11.25
C ALA A 318 28.07 25.54 -10.21
N ASN A 319 28.38 24.68 -9.25
CA ASN A 319 29.29 25.00 -8.18
C ASN A 319 30.16 23.78 -7.94
N LEU A 320 31.46 23.91 -8.21
CA LEU A 320 32.37 22.79 -8.02
C LEU A 320 33.39 23.11 -6.94
N ALA A 321 33.48 22.23 -5.94
CA ALA A 321 34.42 22.41 -4.86
C ALA A 321 35.80 22.07 -5.40
N ALA A 322 36.81 22.09 -4.53
CA ALA A 322 38.16 21.82 -4.97
C ALA A 322 38.44 20.40 -5.43
N ALA A 323 39.38 20.29 -6.36
CA ALA A 323 39.84 19.03 -6.89
C ALA A 323 38.86 18.16 -7.65
N CYS A 324 37.82 18.74 -8.22
CA CYS A 324 36.86 17.96 -8.97
C CYS A 324 37.35 17.69 -10.37
N THR A 325 36.83 16.64 -10.98
CA THR A 325 37.18 16.28 -12.35
C THR A 325 35.88 15.93 -13.04
N ILE A 326 35.59 16.63 -14.13
CA ILE A 326 34.36 16.40 -14.87
C ILE A 326 34.64 16.36 -16.36
N GLY A 327 33.87 15.55 -17.09
CA GLY A 327 34.03 15.45 -18.53
C GLY A 327 34.92 14.29 -18.91
N PRO A 328 35.16 14.07 -20.21
CA PRO A 328 34.63 14.88 -21.30
C PRO A 328 33.15 14.60 -21.53
N PHE A 329 32.51 15.42 -22.36
CA PHE A 329 31.11 15.22 -22.69
C PHE A 329 30.18 15.16 -21.49
N ALA A 330 30.38 16.07 -20.54
CA ALA A 330 29.52 16.12 -19.38
C ALA A 330 28.66 17.37 -19.49
N ARG A 331 27.46 17.30 -18.92
CA ARG A 331 26.55 18.43 -18.97
C ARG A 331 25.98 18.74 -17.60
N LEU A 332 26.42 19.84 -16.99
CA LEU A 332 25.91 20.21 -15.68
C LEU A 332 24.92 21.35 -15.84
N ARG A 333 23.71 21.13 -15.36
CA ARG A 333 22.65 22.11 -15.47
C ARG A 333 22.47 22.87 -14.16
N PRO A 334 21.67 23.95 -14.18
CA PRO A 334 21.44 24.76 -12.98
C PRO A 334 21.23 23.95 -11.71
N GLY A 335 21.99 24.27 -10.67
CA GLY A 335 21.83 23.57 -9.42
C GLY A 335 22.78 22.43 -9.16
N ALA A 336 23.54 22.03 -10.17
CA ALA A 336 24.50 20.95 -9.98
C ALA A 336 25.56 21.42 -9.00
N GLU A 337 25.88 20.58 -8.01
CA GLU A 337 26.90 20.90 -7.03
C GLU A 337 27.76 19.70 -6.81
N LEU A 338 29.07 19.92 -6.83
CA LEU A 338 30.02 18.85 -6.63
C LEU A 338 30.89 19.19 -5.44
N LEU A 339 30.87 18.34 -4.43
CA LEU A 339 31.70 18.57 -3.27
C LEU A 339 33.10 18.12 -3.64
N GLU A 340 34.06 18.38 -2.75
CA GLU A 340 35.46 18.07 -2.96
C GLU A 340 35.85 16.69 -3.49
N GLY A 341 36.63 16.69 -4.56
CA GLY A 341 37.09 15.45 -5.15
C GLY A 341 36.06 14.65 -5.92
N ALA A 342 34.86 15.20 -6.10
CA ALA A 342 33.84 14.47 -6.84
C ALA A 342 34.26 14.29 -8.30
N HIS A 343 33.74 13.23 -8.93
CA HIS A 343 34.07 12.95 -10.31
C HIS A 343 32.85 12.70 -11.16
N VAL A 344 32.82 13.32 -12.34
CA VAL A 344 31.74 13.15 -13.28
C VAL A 344 32.33 12.79 -14.63
N GLY A 345 31.98 11.62 -15.13
CA GLY A 345 32.51 11.14 -16.40
C GLY A 345 31.81 11.61 -17.66
N ASN A 346 31.95 10.83 -18.72
CA ASN A 346 31.37 11.16 -20.01
C ASN A 346 29.90 10.78 -20.15
N PHE A 347 29.17 11.60 -20.90
CA PHE A 347 27.76 11.39 -21.13
C PHE A 347 26.99 11.28 -19.82
N VAL A 348 27.21 12.25 -18.93
CA VAL A 348 26.55 12.32 -17.63
C VAL A 348 25.90 13.70 -17.55
N GLU A 349 24.66 13.74 -17.06
CA GLU A 349 23.95 15.00 -16.90
C GLU A 349 23.48 15.16 -15.46
N MET A 350 23.64 16.35 -14.92
CA MET A 350 23.21 16.64 -13.56
C MET A 350 22.39 17.90 -13.53
N LYS A 351 21.32 17.88 -12.75
CA LYS A 351 20.43 19.04 -12.61
C LYS A 351 19.86 19.02 -11.20
N LYS A 352 20.07 20.11 -10.46
CA LYS A 352 19.58 20.21 -9.10
C LYS A 352 19.97 18.96 -8.33
N ALA A 353 21.26 18.66 -8.34
CA ALA A 353 21.76 17.49 -7.65
C ALA A 353 23.15 17.74 -7.08
N ARG A 354 23.36 17.29 -5.86
CA ARG A 354 24.64 17.44 -5.21
C ARG A 354 25.32 16.10 -5.10
N LEU A 355 26.57 16.06 -5.55
CA LEU A 355 27.38 14.86 -5.51
C LEU A 355 28.43 15.09 -4.43
N GLY A 356 28.35 14.32 -3.35
CA GLY A 356 29.28 14.48 -2.24
C GLY A 356 30.76 14.22 -2.47
N LYS A 357 31.53 14.45 -1.41
CA LYS A 357 32.97 14.28 -1.43
C LYS A 357 33.40 12.92 -1.90
N GLY A 358 34.28 12.89 -2.89
CA GLY A 358 34.79 11.64 -3.41
C GLY A 358 33.79 10.76 -4.13
N SER A 359 32.58 11.24 -4.35
CA SER A 359 31.60 10.42 -5.04
C SER A 359 31.81 10.47 -6.54
N LYS A 360 31.48 9.38 -7.23
CA LYS A 360 31.67 9.33 -8.67
C LYS A 360 30.45 8.91 -9.46
N ALA A 361 30.22 9.61 -10.56
CA ALA A 361 29.14 9.32 -11.49
C ALA A 361 29.90 9.20 -12.81
N GLY A 362 30.43 8.02 -13.09
CA GLY A 362 31.24 7.80 -14.26
C GLY A 362 30.72 7.77 -15.70
N HIS A 363 29.53 7.22 -15.94
CA HIS A 363 29.07 7.14 -17.32
C HIS A 363 27.58 7.00 -17.55
N LEU A 364 27.16 7.48 -18.73
CA LEU A 364 25.78 7.38 -19.18
C LEU A 364 24.79 7.48 -18.03
N THR A 365 24.84 8.58 -17.28
CA THR A 365 23.97 8.73 -16.13
C THR A 365 23.23 10.05 -16.09
N TYR A 366 22.02 10.04 -15.55
CA TYR A 366 21.26 11.25 -15.38
C TYR A 366 20.85 11.35 -13.91
N LEU A 367 21.30 12.41 -13.26
CA LEU A 367 21.00 12.66 -11.86
C LEU A 367 20.29 14.01 -11.73
N GLY A 368 19.02 13.98 -11.38
CA GLY A 368 18.26 15.21 -11.23
C GLY A 368 17.52 15.17 -9.92
N ASP A 369 17.45 16.31 -9.25
CA ASP A 369 16.74 16.41 -7.98
C ASP A 369 17.21 15.34 -7.02
N ALA A 370 18.51 15.29 -6.81
CA ALA A 370 19.10 14.28 -5.94
C ALA A 370 20.11 14.83 -4.95
N GLU A 371 20.26 14.13 -3.84
CA GLU A 371 21.22 14.49 -2.83
C GLU A 371 22.05 13.23 -2.65
N ILE A 372 23.32 13.28 -3.04
CA ILE A 372 24.17 12.11 -2.93
C ILE A 372 25.32 12.31 -1.96
N GLY A 373 25.45 11.38 -1.02
CA GLY A 373 26.49 11.46 0.00
C GLY A 373 27.92 11.30 -0.46
N ASP A 374 28.84 11.18 0.50
CA ASP A 374 30.26 11.03 0.19
C ASP A 374 30.66 9.59 -0.11
N ASN A 375 31.74 9.45 -0.88
CA ASN A 375 32.25 8.14 -1.26
C ASN A 375 31.20 7.23 -1.86
N VAL A 376 30.31 7.81 -2.65
CA VAL A 376 29.26 7.05 -3.30
C VAL A 376 29.66 6.73 -4.72
N ASN A 377 29.29 5.56 -5.20
CA ASN A 377 29.62 5.18 -6.56
C ASN A 377 28.37 4.91 -7.36
N ILE A 378 28.12 5.76 -8.35
CA ILE A 378 26.95 5.62 -9.20
C ILE A 378 27.32 4.86 -10.46
N GLY A 379 26.94 3.59 -10.53
CA GLY A 379 27.26 2.79 -11.68
C GLY A 379 26.74 3.37 -12.97
N ALA A 380 27.35 2.95 -14.07
CA ALA A 380 26.98 3.41 -15.38
C ALA A 380 25.54 3.08 -15.72
N GLY A 381 24.86 4.01 -16.38
CA GLY A 381 23.49 3.77 -16.77
C GLY A 381 22.45 4.09 -15.73
N THR A 382 22.88 4.57 -14.57
CA THR A 382 21.96 4.91 -13.51
C THR A 382 21.16 6.16 -13.83
N ILE A 383 19.88 6.14 -13.49
CA ILE A 383 19.00 7.27 -13.74
C ILE A 383 18.05 7.54 -12.57
N THR A 384 17.93 8.80 -12.16
CA THR A 384 16.99 9.13 -11.09
C THR A 384 15.77 9.65 -11.82
N CYS A 385 14.68 8.90 -11.70
CA CYS A 385 13.40 9.21 -12.33
C CYS A 385 12.61 10.17 -11.41
N ASN A 386 12.99 11.44 -11.46
CA ASN A 386 12.47 12.53 -10.65
C ASN A 386 11.17 13.22 -11.06
N TYR A 387 10.37 12.64 -11.94
CA TYR A 387 9.17 13.31 -12.40
C TYR A 387 8.05 12.38 -12.82
N ASP A 388 6.94 12.42 -12.06
CA ASP A 388 5.79 11.57 -12.31
C ASP A 388 4.89 12.11 -13.41
N GLY A 389 5.31 13.21 -14.02
CA GLY A 389 4.54 13.80 -15.09
C GLY A 389 3.77 15.02 -14.62
N ALA A 390 3.80 15.29 -13.32
CA ALA A 390 3.08 16.44 -12.77
C ALA A 390 3.99 17.14 -11.79
N ASN A 391 4.63 16.36 -10.93
CA ASN A 391 5.53 16.90 -9.93
C ASN A 391 6.89 16.25 -10.07
N LYS A 392 7.90 16.87 -9.45
CA LYS A 392 9.24 16.34 -9.46
C LYS A 392 9.47 15.89 -8.02
N PHE A 393 10.23 14.83 -7.81
CA PHE A 393 10.48 14.35 -6.44
C PHE A 393 11.98 14.14 -6.20
N LYS A 394 12.37 14.18 -4.93
CA LYS A 394 13.76 14.04 -4.51
C LYS A 394 14.27 12.63 -4.20
N THR A 395 15.51 12.37 -4.58
CA THR A 395 16.16 11.10 -4.32
C THR A 395 17.33 11.37 -3.38
N ILE A 396 17.42 10.58 -2.31
CA ILE A 396 18.50 10.76 -1.36
C ILE A 396 19.34 9.49 -1.25
N ILE A 397 20.64 9.62 -1.41
CA ILE A 397 21.52 8.48 -1.32
C ILE A 397 22.58 8.77 -0.28
N GLY A 398 22.58 7.97 0.79
CA GLY A 398 23.53 8.14 1.88
C GLY A 398 24.97 7.84 1.54
N ASP A 399 25.85 8.01 2.53
CA ASP A 399 27.27 7.78 2.35
C ASP A 399 27.58 6.31 2.10
N ASP A 400 28.69 6.07 1.43
CA ASP A 400 29.19 4.72 1.14
C ASP A 400 28.27 3.79 0.38
N VAL A 401 27.32 4.36 -0.35
CA VAL A 401 26.40 3.56 -1.11
C VAL A 401 27.01 3.20 -2.44
N PHE A 402 26.68 2.02 -2.91
CA PHE A 402 27.17 1.52 -4.19
C PHE A 402 25.97 1.25 -5.10
N VAL A 403 25.79 2.05 -6.14
CA VAL A 403 24.67 1.84 -7.04
C VAL A 403 25.08 1.10 -8.29
N GLY A 404 24.55 -0.11 -8.44
CA GLY A 404 24.86 -0.93 -9.60
C GLY A 404 24.42 -0.31 -10.91
N SER A 405 25.11 -0.68 -11.99
CA SER A 405 24.79 -0.15 -13.30
C SER A 405 23.35 -0.39 -13.75
N ASP A 406 22.82 0.60 -14.47
CA ASP A 406 21.46 0.58 -15.00
C ASP A 406 20.32 0.54 -13.99
N THR A 407 20.54 1.20 -12.86
CA THR A 407 19.55 1.25 -11.80
C THR A 407 18.67 2.50 -11.94
N GLN A 408 17.36 2.36 -11.76
CA GLN A 408 16.50 3.55 -11.78
C GLN A 408 16.03 3.72 -10.36
N LEU A 409 16.04 4.96 -9.92
CA LEU A 409 15.58 5.28 -8.59
C LEU A 409 14.34 6.10 -8.80
N VAL A 410 13.18 5.52 -8.55
CA VAL A 410 11.93 6.25 -8.71
C VAL A 410 11.71 7.15 -7.49
N ALA A 411 11.82 8.46 -7.69
CA ALA A 411 11.64 9.43 -6.60
C ALA A 411 10.19 9.51 -6.15
N PRO A 412 9.95 9.76 -4.86
CA PRO A 412 10.92 9.97 -3.78
C PRO A 412 11.38 8.66 -3.15
N VAL A 413 12.68 8.56 -2.89
CA VAL A 413 13.24 7.36 -2.30
C VAL A 413 14.52 7.73 -1.56
N THR A 414 14.84 6.97 -0.51
CA THR A 414 16.04 7.21 0.27
C THR A 414 16.82 5.91 0.41
N VAL A 415 18.12 5.98 0.17
CA VAL A 415 18.95 4.79 0.28
C VAL A 415 19.86 5.05 1.46
N GLY A 416 19.84 4.18 2.46
CA GLY A 416 20.68 4.37 3.62
C GLY A 416 22.16 4.13 3.41
N LYS A 417 22.96 4.61 4.35
CA LYS A 417 24.42 4.48 4.30
C LYS A 417 24.87 3.05 4.11
N GLY A 418 25.94 2.87 3.34
CA GLY A 418 26.48 1.54 3.12
C GLY A 418 25.64 0.56 2.31
N ALA A 419 24.46 0.95 1.88
CA ALA A 419 23.64 0.04 1.09
C ALA A 419 24.29 -0.29 -0.24
N THR A 420 23.83 -1.36 -0.87
CA THR A 420 24.35 -1.77 -2.17
C THR A 420 23.13 -2.07 -3.04
N ILE A 421 23.10 -1.52 -4.24
CA ILE A 421 21.98 -1.75 -5.11
C ILE A 421 22.44 -2.57 -6.29
N ALA A 422 21.83 -3.74 -6.43
CA ALA A 422 22.13 -4.67 -7.51
C ALA A 422 21.98 -4.05 -8.89
N ALA A 423 22.82 -4.48 -9.81
CA ALA A 423 22.74 -3.99 -11.16
C ALA A 423 21.34 -4.26 -11.70
N GLY A 424 20.84 -3.33 -12.50
CA GLY A 424 19.52 -3.48 -13.10
C GLY A 424 18.33 -3.43 -12.18
N THR A 425 18.48 -2.77 -11.03
CA THR A 425 17.39 -2.67 -10.06
C THR A 425 16.49 -1.46 -10.26
N THR A 426 15.19 -1.65 -10.06
CA THR A 426 14.23 -0.55 -10.14
C THR A 426 13.87 -0.30 -8.69
N VAL A 427 14.37 0.80 -8.16
CA VAL A 427 14.16 1.17 -6.77
C VAL A 427 12.95 2.06 -6.53
N THR A 428 11.89 1.47 -5.95
CA THR A 428 10.66 2.20 -5.66
C THR A 428 10.45 2.39 -4.16
N ARG A 429 11.20 1.65 -3.36
CA ARG A 429 11.09 1.73 -1.92
C ARG A 429 12.42 2.01 -1.24
N ASN A 430 12.35 2.70 -0.11
CA ASN A 430 13.55 3.03 0.64
C ASN A 430 14.40 1.79 0.89
N VAL A 431 15.70 1.98 0.97
CA VAL A 431 16.61 0.87 1.21
C VAL A 431 17.27 1.09 2.56
N GLY A 432 17.39 0.03 3.34
CA GLY A 432 17.98 0.15 4.65
C GLY A 432 19.48 0.30 4.61
N GLU A 433 20.05 0.74 5.73
CA GLU A 433 21.49 0.90 5.85
C GLU A 433 22.14 -0.47 5.81
N ASN A 434 23.21 -0.60 5.05
CA ASN A 434 23.94 -1.86 4.92
C ASN A 434 23.13 -2.98 4.27
N ALA A 435 22.09 -2.65 3.54
CA ALA A 435 21.28 -3.69 2.91
C ALA A 435 21.57 -3.79 1.42
N LEU A 436 21.21 -4.93 0.83
CA LEU A 436 21.39 -5.12 -0.59
C LEU A 436 20.01 -5.14 -1.19
N ALA A 437 19.73 -4.17 -2.06
CA ALA A 437 18.44 -4.07 -2.73
C ALA A 437 18.54 -4.74 -4.10
N ILE A 438 17.49 -5.43 -4.48
CA ILE A 438 17.49 -6.14 -5.74
C ILE A 438 16.07 -6.43 -6.20
N SER A 439 15.89 -6.53 -7.49
CA SER A 439 14.59 -6.82 -8.10
C SER A 439 15.00 -7.46 -9.42
N ARG A 440 15.54 -8.67 -9.31
CA ARG A 440 16.07 -9.40 -10.44
C ARG A 440 15.40 -10.73 -10.76
N VAL A 441 15.28 -11.00 -12.05
CA VAL A 441 14.71 -12.26 -12.54
C VAL A 441 15.91 -13.16 -12.74
N PRO A 442 15.87 -14.39 -12.21
CA PRO A 442 17.05 -15.23 -12.45
C PRO A 442 17.23 -15.47 -13.95
N GLN A 443 18.49 -15.46 -14.40
CA GLN A 443 18.79 -15.68 -15.80
C GLN A 443 18.57 -17.13 -16.23
N THR A 444 17.85 -17.31 -17.33
CA THR A 444 17.58 -18.65 -17.83
C THR A 444 18.06 -18.75 -19.28
N GLN A 445 18.11 -19.97 -19.80
CA GLN A 445 18.64 -20.20 -21.13
C GLN A 445 17.75 -21.09 -21.99
N LYS A 446 17.76 -20.82 -23.30
CA LYS A 446 16.99 -21.61 -24.25
C LYS A 446 18.00 -22.14 -25.29
N GLU A 447 18.24 -23.44 -25.25
CA GLU A 447 19.19 -24.08 -26.16
C GLU A 447 18.81 -24.09 -27.62
N GLY A 448 19.83 -24.01 -28.47
CA GLY A 448 19.62 -24.04 -29.90
C GLY A 448 18.61 -23.03 -30.39
N TRP A 449 18.90 -21.76 -30.14
CA TRP A 449 18.03 -20.70 -30.58
C TRP A 449 18.56 -20.14 -31.89
N ARG A 450 17.67 -19.90 -32.85
CA ARG A 450 18.08 -19.35 -34.14
C ARG A 450 17.37 -18.02 -34.43
N ARG A 451 18.15 -17.01 -34.77
CA ARG A 451 17.60 -15.68 -35.08
C ARG A 451 17.11 -15.66 -36.51
N PRO A 452 16.34 -14.61 -36.89
CA PRO A 452 15.81 -14.49 -38.25
C PRO A 452 16.85 -14.80 -39.33
N ASN B 3 -59.48 -39.44 42.09
CA ASN B 3 -58.83 -39.64 43.42
C ASN B 3 -57.66 -38.70 43.64
N ASN B 4 -56.44 -39.20 43.49
CA ASN B 4 -55.28 -38.36 43.78
C ASN B 4 -54.09 -38.23 42.83
N ALA B 5 -53.13 -37.46 43.32
CA ALA B 5 -51.90 -37.16 42.63
C ALA B 5 -50.82 -38.19 42.89
N MET B 6 -49.67 -37.95 42.30
CA MET B 6 -48.55 -38.83 42.47
C MET B 6 -47.25 -38.08 42.35
N SER B 7 -46.24 -38.60 43.03
CA SER B 7 -44.91 -38.01 42.99
C SER B 7 -43.99 -39.12 42.57
N VAL B 8 -42.92 -38.75 41.86
CA VAL B 8 -41.96 -39.70 41.37
C VAL B 8 -40.60 -39.47 42.02
N VAL B 9 -39.95 -40.54 42.44
CA VAL B 9 -38.64 -40.39 43.03
C VAL B 9 -37.70 -41.27 42.20
N ILE B 10 -36.62 -40.66 41.73
CA ILE B 10 -35.62 -41.38 40.93
C ILE B 10 -34.35 -41.49 41.75
N LEU B 11 -33.94 -42.72 42.03
CA LEU B 11 -32.72 -42.94 42.81
C LEU B 11 -31.51 -42.93 41.88
N ALA B 12 -30.55 -42.08 42.19
CA ALA B 12 -29.37 -41.97 41.34
C ALA B 12 -28.11 -41.63 42.14
N ALA B 13 -28.12 -41.93 43.44
CA ALA B 13 -26.97 -41.59 44.29
C ALA B 13 -25.92 -42.67 44.48
N GLY B 14 -26.10 -43.84 43.87
CA GLY B 14 -25.12 -44.88 44.04
C GLY B 14 -23.87 -44.69 43.21
N LYS B 15 -22.82 -45.42 43.55
CA LYS B 15 -21.58 -45.36 42.79
C LYS B 15 -21.54 -46.71 42.11
N GLY B 16 -21.65 -46.72 40.78
CA GLY B 16 -21.60 -47.99 40.08
C GLY B 16 -20.17 -48.48 40.08
N THR B 17 -19.72 -49.01 41.21
CA THR B 17 -18.35 -49.50 41.32
C THR B 17 -18.00 -50.40 40.13
N ARG B 18 -18.92 -51.28 39.76
CA ARG B 18 -18.67 -52.20 38.66
C ARG B 18 -18.57 -51.56 37.27
N MET B 19 -18.71 -50.24 37.19
CA MET B 19 -18.61 -49.55 35.90
C MET B 19 -17.16 -49.09 35.71
N TYR B 20 -16.40 -49.11 36.79
CA TYR B 20 -15.00 -48.69 36.79
C TYR B 20 -14.82 -47.33 36.13
N SER B 21 -15.69 -46.40 36.51
CA SER B 21 -15.67 -45.07 35.94
C SER B 21 -15.52 -43.98 36.99
N ASP B 22 -15.01 -42.84 36.57
CA ASP B 22 -14.87 -41.71 37.46
C ASP B 22 -16.13 -40.90 37.27
N LEU B 23 -16.96 -41.37 36.35
CA LEU B 23 -18.24 -40.73 36.05
C LEU B 23 -19.35 -41.51 36.73
N PRO B 24 -20.27 -40.82 37.41
CA PRO B 24 -21.35 -41.54 38.08
C PRO B 24 -22.12 -42.42 37.08
N LYS B 25 -22.45 -43.63 37.50
CA LYS B 25 -23.16 -44.60 36.66
C LYS B 25 -24.31 -44.06 35.81
N VAL B 26 -25.28 -43.41 36.46
CA VAL B 26 -26.45 -42.89 35.75
C VAL B 26 -26.15 -41.86 34.69
N LEU B 27 -24.96 -41.26 34.74
CA LEU B 27 -24.58 -40.25 33.76
C LEU B 27 -24.05 -40.88 32.49
N HIS B 28 -23.75 -42.17 32.51
CA HIS B 28 -23.27 -42.82 31.32
C HIS B 28 -24.38 -42.77 30.29
N THR B 29 -24.02 -42.72 29.01
CA THR B 29 -25.01 -42.60 27.97
C THR B 29 -25.50 -43.85 27.27
N LEU B 30 -26.75 -43.75 26.81
CA LEU B 30 -27.42 -44.80 26.07
C LEU B 30 -27.96 -44.08 24.84
N ALA B 31 -27.50 -44.49 23.66
CA ALA B 31 -27.95 -43.85 22.43
C ALA B 31 -27.72 -42.34 22.47
N GLY B 32 -26.60 -41.94 23.06
CA GLY B 32 -26.28 -40.52 23.13
C GLY B 32 -26.91 -39.73 24.27
N LYS B 33 -27.66 -40.40 25.13
CA LYS B 33 -28.30 -39.70 26.22
C LYS B 33 -28.01 -40.41 27.53
N ALA B 34 -27.71 -39.62 28.57
CA ALA B 34 -27.42 -40.19 29.88
C ALA B 34 -28.61 -41.01 30.36
N MET B 35 -28.35 -42.18 30.93
CA MET B 35 -29.41 -43.05 31.42
C MET B 35 -30.42 -42.33 32.30
N VAL B 36 -29.94 -41.49 33.19
CA VAL B 36 -30.81 -40.77 34.09
C VAL B 36 -31.73 -39.80 33.35
N GLN B 37 -31.25 -39.23 32.24
CA GLN B 37 -32.07 -38.30 31.48
C GLN B 37 -33.19 -39.10 30.84
N HIS B 38 -32.87 -40.33 30.42
CA HIS B 38 -33.85 -41.20 29.81
C HIS B 38 -35.01 -41.38 30.77
N VAL B 39 -34.69 -41.69 32.02
CA VAL B 39 -35.71 -41.89 33.03
C VAL B 39 -36.46 -40.59 33.31
N ILE B 40 -35.72 -39.50 33.44
CA ILE B 40 -36.37 -38.22 33.71
C ILE B 40 -37.43 -37.91 32.66
N ASP B 41 -37.06 -38.03 31.39
CA ASP B 41 -38.00 -37.75 30.31
C ASP B 41 -39.30 -38.57 30.42
N ALA B 42 -39.21 -39.74 31.03
CA ALA B 42 -40.37 -40.60 31.19
C ALA B 42 -41.26 -40.12 32.34
N ALA B 43 -40.62 -39.82 33.47
CA ALA B 43 -41.34 -39.36 34.64
C ALA B 43 -41.98 -38.01 34.35
N ASN B 44 -41.35 -37.25 33.45
CA ASN B 44 -41.85 -35.93 33.08
C ASN B 44 -42.99 -35.98 32.09
N GLU B 45 -43.31 -37.17 31.60
CA GLU B 45 -44.39 -37.33 30.64
C GLU B 45 -45.56 -37.97 31.37
N LEU B 46 -45.45 -38.00 32.71
CA LEU B 46 -46.46 -38.60 33.59
C LEU B 46 -47.27 -37.56 34.34
N GLY B 47 -46.77 -36.34 34.41
CA GLY B 47 -47.47 -35.28 35.12
C GLY B 47 -47.54 -35.52 36.62
N ALA B 48 -46.39 -35.72 37.25
CA ALA B 48 -46.33 -35.97 38.69
C ALA B 48 -46.33 -34.67 39.48
N ALA B 49 -46.81 -34.72 40.72
CA ALA B 49 -46.82 -33.52 41.55
C ALA B 49 -45.38 -32.97 41.53
N HIS B 50 -44.41 -33.81 41.91
CA HIS B 50 -43.00 -33.43 41.91
C HIS B 50 -42.16 -34.63 41.49
N VAL B 51 -40.98 -34.33 40.98
CA VAL B 51 -40.05 -35.37 40.57
C VAL B 51 -38.85 -35.22 41.46
N HIS B 52 -38.67 -36.17 42.38
CA HIS B 52 -37.54 -36.14 43.31
C HIS B 52 -36.34 -36.88 42.74
N LEU B 53 -35.18 -36.25 42.83
CA LEU B 53 -33.95 -36.84 42.33
C LEU B 53 -33.01 -37.09 43.49
N VAL B 54 -32.88 -38.35 43.89
CA VAL B 54 -31.98 -38.69 44.98
C VAL B 54 -30.60 -38.87 44.39
N TYR B 55 -29.66 -38.04 44.85
CA TYR B 55 -28.30 -38.09 44.36
C TYR B 55 -27.34 -38.17 45.54
N GLY B 56 -26.07 -38.43 45.25
CA GLY B 56 -25.08 -38.53 46.29
C GLY B 56 -23.69 -38.53 45.71
N HIS B 57 -23.23 -39.72 45.31
CA HIS B 57 -21.91 -39.86 44.73
C HIS B 57 -21.82 -39.11 43.39
N GLY B 58 -20.96 -38.10 43.34
CA GLY B 58 -20.76 -37.34 42.12
C GLY B 58 -21.84 -36.33 41.81
N GLY B 59 -22.48 -35.84 42.87
CA GLY B 59 -23.56 -34.88 42.71
C GLY B 59 -23.24 -33.68 41.86
N ASP B 60 -22.16 -32.97 42.19
CA ASP B 60 -21.78 -31.80 41.44
C ASP B 60 -21.86 -32.09 39.95
N LEU B 61 -21.56 -33.33 39.59
CA LEU B 61 -21.61 -33.71 38.18
C LEU B 61 -23.07 -33.76 37.74
N LEU B 62 -23.87 -34.49 38.51
CA LEU B 62 -25.30 -34.62 38.22
C LEU B 62 -25.91 -33.24 38.17
N LYS B 63 -25.74 -32.49 39.26
CA LYS B 63 -26.29 -31.15 39.36
C LYS B 63 -25.93 -30.30 38.14
N GLN B 64 -24.83 -30.64 37.47
CA GLN B 64 -24.40 -29.88 36.30
C GLN B 64 -24.99 -30.45 35.01
N ALA B 65 -24.93 -31.76 34.89
CA ALA B 65 -25.41 -32.44 33.69
C ALA B 65 -26.88 -32.19 33.36
N LEU B 66 -27.72 -32.09 34.39
CA LEU B 66 -29.14 -31.88 34.15
C LEU B 66 -29.66 -30.54 34.66
N LYS B 67 -30.37 -29.84 33.78
CA LYS B 67 -30.92 -28.53 34.08
C LYS B 67 -32.46 -28.56 34.03
N ASP B 68 -33.06 -29.38 34.88
CA ASP B 68 -34.51 -29.50 34.93
C ASP B 68 -35.06 -28.70 36.10
N ASP B 69 -35.58 -27.51 35.81
CA ASP B 69 -36.17 -26.63 36.83
C ASP B 69 -37.23 -27.44 37.57
N ASN B 70 -37.49 -28.64 37.09
CA ASN B 70 -38.47 -29.48 37.74
C ASN B 70 -37.86 -30.71 38.35
N LEU B 71 -36.86 -30.47 39.19
CA LEU B 71 -36.19 -31.55 39.89
C LEU B 71 -35.95 -31.12 41.31
N ASN B 72 -36.49 -31.89 42.25
CA ASN B 72 -36.26 -31.61 43.65
C ASN B 72 -35.07 -32.48 44.00
N TRP B 73 -33.95 -31.85 44.33
CA TRP B 73 -32.74 -32.58 44.67
C TRP B 73 -32.72 -33.00 46.13
N VAL B 74 -32.63 -34.32 46.33
CA VAL B 74 -32.56 -34.91 47.66
C VAL B 74 -31.21 -35.60 47.74
N LEU B 75 -30.40 -35.17 48.70
CA LEU B 75 -29.08 -35.73 48.87
C LEU B 75 -29.04 -36.92 49.82
N GLN B 76 -28.28 -37.93 49.45
CA GLN B 76 -28.07 -39.10 50.26
C GLN B 76 -26.56 -39.08 50.46
N ALA B 77 -26.13 -38.37 51.51
CA ALA B 77 -24.71 -38.21 51.82
C ALA B 77 -23.96 -39.53 51.92
N GLU B 78 -24.61 -40.55 52.48
CA GLU B 78 -23.98 -41.85 52.59
C GLU B 78 -24.84 -42.88 51.88
N GLN B 79 -24.21 -43.69 51.04
CA GLN B 79 -24.92 -44.69 50.26
C GLN B 79 -25.07 -45.99 51.03
N LEU B 80 -26.09 -46.04 51.88
CA LEU B 80 -26.35 -47.20 52.73
C LEU B 80 -27.42 -48.14 52.19
N GLY B 81 -27.74 -48.03 50.91
CA GLY B 81 -28.74 -48.90 50.33
C GLY B 81 -29.93 -48.15 49.75
N THR B 82 -30.67 -48.83 48.89
CA THR B 82 -31.84 -48.26 48.24
C THR B 82 -32.92 -47.86 49.24
N GLY B 83 -33.11 -48.68 50.26
CA GLY B 83 -34.11 -48.36 51.29
C GLY B 83 -33.71 -47.10 52.01
N HIS B 84 -32.42 -47.01 52.33
CA HIS B 84 -31.86 -45.84 53.00
C HIS B 84 -32.09 -44.60 52.14
N ALA B 85 -31.81 -44.73 50.86
CA ALA B 85 -31.98 -43.63 49.93
C ALA B 85 -33.41 -43.12 49.95
N MET B 86 -34.37 -44.03 49.86
CA MET B 86 -35.77 -43.64 49.89
C MET B 86 -36.09 -42.94 51.20
N GLN B 87 -35.35 -43.29 52.24
CA GLN B 87 -35.57 -42.69 53.56
C GLN B 87 -35.23 -41.20 53.56
N GLN B 88 -34.35 -40.79 52.65
CA GLN B 88 -33.97 -39.39 52.60
C GLN B 88 -35.01 -38.54 51.87
N ALA B 89 -35.89 -39.20 51.12
CA ALA B 89 -36.91 -38.51 50.37
C ALA B 89 -38.25 -38.56 51.10
N ALA B 90 -38.42 -39.59 51.92
CA ALA B 90 -39.64 -39.80 52.69
C ALA B 90 -40.17 -38.48 53.22
N PRO B 91 -39.30 -37.63 53.77
CA PRO B 91 -39.76 -36.33 54.29
C PRO B 91 -40.63 -35.51 53.32
N PHE B 92 -40.49 -35.72 52.03
CA PHE B 92 -41.29 -34.95 51.07
C PHE B 92 -42.47 -35.70 50.46
N PHE B 93 -42.85 -36.82 51.07
CA PHE B 93 -43.97 -37.60 50.55
C PHE B 93 -45.26 -37.12 51.19
N ALA B 94 -46.31 -36.98 50.38
CA ALA B 94 -47.60 -36.54 50.88
C ALA B 94 -48.33 -37.79 51.32
N ASP B 95 -48.87 -37.78 52.53
CA ASP B 95 -49.60 -38.93 53.04
C ASP B 95 -50.77 -39.30 52.13
N ASP B 96 -51.16 -38.34 51.29
CA ASP B 96 -52.29 -38.49 50.37
C ASP B 96 -51.92 -38.65 48.90
N GLU B 97 -50.63 -38.80 48.62
CA GLU B 97 -50.20 -38.95 47.23
C GLU B 97 -49.54 -40.29 47.01
N ASP B 98 -49.64 -40.77 45.78
CA ASP B 98 -49.02 -42.04 45.40
C ASP B 98 -47.56 -41.74 45.11
N ILE B 99 -46.67 -42.65 45.49
CA ILE B 99 -45.24 -42.44 45.23
C ILE B 99 -44.74 -43.51 44.24
N LEU B 100 -44.16 -43.05 43.13
CA LEU B 100 -43.64 -43.97 42.11
C LEU B 100 -42.11 -43.96 42.19
N MET B 101 -41.54 -45.13 42.45
CA MET B 101 -40.10 -45.30 42.57
C MET B 101 -39.45 -45.87 41.33
N LEU B 102 -38.52 -45.08 40.78
CA LEU B 102 -37.78 -45.44 39.57
C LEU B 102 -36.27 -45.45 39.85
N TYR B 103 -35.56 -46.31 39.15
CA TYR B 103 -34.12 -46.43 39.31
C TYR B 103 -33.40 -45.77 38.15
N GLY B 104 -32.39 -44.97 38.46
CA GLY B 104 -31.63 -44.28 37.43
C GLY B 104 -30.90 -45.18 36.45
N ASP B 105 -30.81 -46.48 36.72
CA ASP B 105 -30.12 -47.35 35.79
C ASP B 105 -31.01 -48.34 35.05
N VAL B 106 -32.31 -48.03 34.99
CA VAL B 106 -33.29 -48.85 34.26
C VAL B 106 -33.90 -47.80 33.35
N PRO B 107 -33.13 -47.36 32.35
CA PRO B 107 -33.45 -46.34 31.34
C PRO B 107 -34.58 -46.48 30.34
N LEU B 108 -34.83 -47.68 29.85
CA LEU B 108 -35.83 -47.83 28.83
C LEU B 108 -37.27 -47.95 29.24
N ILE B 109 -37.56 -47.88 30.54
CA ILE B 109 -38.94 -47.98 30.98
C ILE B 109 -39.78 -46.97 30.20
N SER B 110 -40.93 -47.40 29.71
CA SER B 110 -41.82 -46.54 28.94
C SER B 110 -42.99 -45.99 29.73
N VAL B 111 -43.53 -44.88 29.24
CA VAL B 111 -44.66 -44.22 29.86
C VAL B 111 -45.90 -45.10 29.92
N GLU B 112 -46.31 -45.61 28.77
CA GLU B 112 -47.48 -46.46 28.70
C GLU B 112 -47.45 -47.49 29.82
N THR B 113 -46.29 -48.11 30.02
CA THR B 113 -46.13 -49.13 31.04
C THR B 113 -46.27 -48.60 32.48
N LEU B 114 -45.86 -47.37 32.73
CA LEU B 114 -45.97 -46.83 34.07
C LEU B 114 -47.40 -46.44 34.34
N GLN B 115 -48.15 -46.15 33.29
CA GLN B 115 -49.54 -45.78 33.45
C GLN B 115 -50.29 -47.03 33.87
N ARG B 116 -50.02 -48.13 33.18
CA ARG B 116 -50.66 -49.40 33.49
C ARG B 116 -50.35 -49.75 34.95
N LEU B 117 -49.11 -49.53 35.36
CA LEU B 117 -48.71 -49.82 36.73
C LEU B 117 -49.55 -48.99 37.69
N ARG B 118 -49.63 -47.69 37.44
CA ARG B 118 -50.41 -46.84 38.31
C ARG B 118 -51.84 -47.30 38.47
N ASP B 119 -52.43 -47.77 37.36
CA ASP B 119 -53.82 -48.23 37.39
C ASP B 119 -54.01 -49.58 38.09
N ALA B 120 -52.94 -50.33 38.27
CA ALA B 120 -53.04 -51.65 38.91
C ALA B 120 -52.66 -51.66 40.39
N LYS B 121 -52.27 -50.50 40.92
CA LYS B 121 -51.91 -50.43 42.34
C LYS B 121 -53.15 -50.53 43.19
N PRO B 122 -53.29 -51.64 43.95
CA PRO B 122 -54.47 -51.76 44.79
C PRO B 122 -54.49 -50.63 45.80
N GLN B 123 -55.68 -50.29 46.29
CA GLN B 123 -55.82 -49.23 47.29
C GLN B 123 -55.15 -49.72 48.58
N GLY B 124 -54.16 -48.98 49.06
CA GLY B 124 -53.47 -49.41 50.27
C GLY B 124 -52.54 -50.59 50.00
N GLY B 125 -52.30 -50.90 48.73
CA GLY B 125 -51.42 -52.00 48.37
C GLY B 125 -50.21 -51.49 47.60
N ILE B 126 -49.49 -52.40 46.95
CA ILE B 126 -48.29 -52.03 46.20
C ILE B 126 -48.36 -52.52 44.76
N GLY B 127 -47.97 -51.65 43.83
CA GLY B 127 -47.95 -52.03 42.43
C GLY B 127 -46.50 -52.36 42.13
N LEU B 128 -46.23 -53.60 41.72
CA LEU B 128 -44.85 -54.01 41.43
C LEU B 128 -44.63 -54.48 40.00
N LEU B 129 -43.65 -53.88 39.34
CA LEU B 129 -43.32 -54.25 37.97
C LEU B 129 -42.34 -55.41 37.99
N THR B 130 -42.77 -56.59 37.54
CA THR B 130 -41.90 -57.76 37.52
C THR B 130 -41.82 -58.37 36.13
N VAL B 131 -40.83 -59.22 35.92
CA VAL B 131 -40.64 -59.87 34.64
C VAL B 131 -39.82 -61.16 34.79
N LYS B 132 -40.07 -62.12 33.90
CA LYS B 132 -39.35 -63.40 33.91
C LYS B 132 -38.15 -63.28 32.98
N LEU B 133 -36.97 -63.62 33.48
CA LEU B 133 -35.74 -63.51 32.71
C LEU B 133 -35.00 -64.83 32.59
N ASP B 134 -34.48 -65.11 31.39
CA ASP B 134 -33.75 -66.36 31.16
C ASP B 134 -32.56 -66.44 32.11
N ASP B 135 -31.91 -65.31 32.37
CA ASP B 135 -30.78 -65.27 33.28
C ASP B 135 -31.01 -64.16 34.29
N PRO B 136 -31.53 -64.51 35.48
CA PRO B 136 -31.82 -63.55 36.55
C PRO B 136 -30.63 -63.25 37.46
N THR B 137 -29.43 -63.68 37.10
CA THR B 137 -28.28 -63.42 37.95
C THR B 137 -28.05 -61.94 38.27
N GLY B 138 -28.04 -61.62 39.56
CA GLY B 138 -27.81 -60.26 39.99
C GLY B 138 -29.06 -59.49 40.32
N TYR B 139 -30.21 -60.04 39.95
CA TYR B 139 -31.48 -59.38 40.22
C TYR B 139 -32.18 -59.90 41.47
N GLY B 140 -32.94 -59.03 42.12
CA GLY B 140 -33.69 -59.42 43.30
C GLY B 140 -34.76 -60.36 42.77
N ARG B 141 -34.96 -61.49 43.46
CA ARG B 141 -35.93 -62.47 43.03
C ARG B 141 -37.26 -62.32 43.74
N ILE B 142 -38.33 -62.67 43.03
CA ILE B 142 -39.67 -62.58 43.59
C ILE B 142 -40.09 -63.91 44.21
N THR B 143 -40.53 -63.87 45.46
CA THR B 143 -40.97 -65.08 46.12
C THR B 143 -42.50 -65.05 46.16
N ARG B 144 -43.10 -66.22 45.98
CA ARG B 144 -44.55 -66.37 45.96
C ARG B 144 -45.01 -67.58 46.76
N GLU B 145 -46.17 -67.48 47.39
CA GLU B 145 -46.74 -68.61 48.12
C GLU B 145 -48.18 -68.66 47.66
N ASN B 146 -48.58 -69.79 47.06
CA ASN B 146 -49.94 -69.97 46.57
C ASN B 146 -50.19 -69.00 45.41
N GLY B 147 -49.15 -68.74 44.62
CA GLY B 147 -49.31 -67.83 43.49
C GLY B 147 -49.34 -66.35 43.82
N LYS B 148 -49.27 -66.01 45.10
CA LYS B 148 -49.28 -64.60 45.50
C LYS B 148 -47.87 -64.14 45.89
N VAL B 149 -47.60 -62.86 45.64
CA VAL B 149 -46.31 -62.26 45.93
C VAL B 149 -46.13 -62.03 47.43
N THR B 150 -45.10 -62.63 48.01
CA THR B 150 -44.82 -62.49 49.44
C THR B 150 -43.63 -61.57 49.69
N GLY B 151 -42.72 -61.48 48.72
CA GLY B 151 -41.56 -60.63 48.91
C GLY B 151 -40.52 -60.71 47.81
N ILE B 152 -39.36 -60.11 48.08
CA ILE B 152 -38.24 -60.10 47.14
C ILE B 152 -37.00 -60.52 47.89
N VAL B 153 -36.18 -61.35 47.25
CA VAL B 153 -34.95 -61.79 47.88
C VAL B 153 -33.78 -61.37 47.00
N GLU B 154 -32.85 -60.62 47.57
CA GLU B 154 -31.70 -60.17 46.83
C GLU B 154 -30.82 -61.35 46.47
N HIS B 155 -30.20 -61.26 45.30
CA HIS B 155 -29.34 -62.32 44.80
C HIS B 155 -28.26 -62.75 45.79
N LYS B 156 -27.53 -61.79 46.37
CA LYS B 156 -26.49 -62.15 47.33
C LYS B 156 -27.05 -62.95 48.51
N ASP B 157 -28.25 -62.60 48.95
CA ASP B 157 -28.90 -63.25 50.08
C ASP B 157 -29.69 -64.50 49.69
N ALA B 158 -29.83 -64.73 48.39
CA ALA B 158 -30.60 -65.86 47.88
C ALA B 158 -29.94 -67.23 48.00
N THR B 159 -30.75 -68.22 48.35
CA THR B 159 -30.29 -69.60 48.51
C THR B 159 -30.34 -70.33 47.18
N ASP B 160 -29.61 -71.44 47.09
CA ASP B 160 -29.54 -72.25 45.89
C ASP B 160 -30.83 -72.32 45.08
N GLU B 161 -31.94 -72.70 45.72
CA GLU B 161 -33.24 -72.82 45.03
C GLU B 161 -33.94 -71.51 44.77
N GLN B 162 -33.65 -70.50 45.58
CA GLN B 162 -34.27 -69.20 45.39
C GLN B 162 -33.65 -68.54 44.17
N ARG B 163 -32.38 -68.85 43.93
CA ARG B 163 -31.66 -68.31 42.79
C ARG B 163 -32.14 -68.97 41.50
N GLN B 164 -33.07 -69.92 41.62
CA GLN B 164 -33.58 -70.60 40.46
C GLN B 164 -34.88 -69.98 39.98
N ILE B 165 -35.39 -69.03 40.74
CA ILE B 165 -36.62 -68.32 40.37
C ILE B 165 -36.22 -67.35 39.24
N GLN B 166 -37.01 -67.31 38.18
CA GLN B 166 -36.72 -66.45 37.04
C GLN B 166 -37.47 -65.14 37.02
N GLU B 167 -38.42 -64.96 37.92
CA GLU B 167 -39.19 -63.72 37.97
C GLU B 167 -38.42 -62.78 38.89
N ILE B 168 -37.88 -61.73 38.30
CA ILE B 168 -37.07 -60.77 39.03
C ILE B 168 -37.75 -59.43 39.25
N ASN B 169 -37.30 -58.73 40.29
CA ASN B 169 -37.84 -57.43 40.58
C ASN B 169 -37.18 -56.45 39.62
N THR B 170 -37.98 -55.64 38.93
CA THR B 170 -37.42 -54.70 37.99
C THR B 170 -36.95 -53.44 38.70
N GLY B 171 -37.31 -53.30 39.97
CA GLY B 171 -36.92 -52.13 40.72
C GLY B 171 -37.94 -51.01 40.70
N ILE B 172 -39.00 -51.19 39.92
CA ILE B 172 -40.03 -50.16 39.83
C ILE B 172 -41.30 -50.53 40.57
N LEU B 173 -41.81 -49.63 41.39
CA LEU B 173 -43.03 -49.92 42.13
C LEU B 173 -43.71 -48.64 42.56
N ILE B 174 -44.99 -48.74 42.88
CA ILE B 174 -45.74 -47.59 43.32
C ILE B 174 -46.55 -47.97 44.57
N ALA B 175 -46.70 -47.01 45.48
CA ALA B 175 -47.45 -47.24 46.71
C ALA B 175 -47.86 -45.89 47.30
N ASN B 176 -48.79 -45.90 48.26
CA ASN B 176 -49.21 -44.65 48.89
C ASN B 176 -48.08 -44.09 49.75
N GLY B 177 -47.90 -42.78 49.70
CA GLY B 177 -46.85 -42.13 50.46
C GLY B 177 -46.90 -42.36 51.96
N ALA B 178 -48.09 -42.27 52.54
CA ALA B 178 -48.21 -42.49 53.97
C ALA B 178 -47.79 -43.92 54.24
N ASP B 179 -48.32 -44.86 53.45
CA ASP B 179 -48.00 -46.26 53.60
C ASP B 179 -46.50 -46.45 53.48
N MET B 180 -45.89 -45.75 52.53
CA MET B 180 -44.45 -45.84 52.29
C MET B 180 -43.65 -45.45 53.53
N LYS B 181 -43.94 -44.27 54.09
CA LYS B 181 -43.25 -43.80 55.27
C LYS B 181 -43.29 -44.82 56.38
N ARG B 182 -44.43 -45.49 56.53
CA ARG B 182 -44.58 -46.48 57.58
C ARG B 182 -43.65 -47.67 57.41
N TRP B 183 -43.55 -48.19 56.19
CA TRP B 183 -42.69 -49.34 55.95
C TRP B 183 -41.22 -48.99 56.02
N LEU B 184 -40.86 -47.78 55.63
CA LEU B 184 -39.45 -47.38 55.66
C LEU B 184 -38.85 -47.38 57.06
N ALA B 185 -39.66 -46.99 58.04
CA ALA B 185 -39.21 -46.92 59.44
C ALA B 185 -38.91 -48.30 60.01
N LYS B 186 -39.49 -49.33 59.41
CA LYS B 186 -39.30 -50.69 59.88
C LYS B 186 -38.08 -51.37 59.28
N LEU B 187 -37.36 -50.67 58.40
CA LEU B 187 -36.19 -51.24 57.74
C LEU B 187 -34.96 -51.41 58.63
N THR B 188 -34.31 -52.56 58.46
CA THR B 188 -33.09 -52.88 59.20
C THR B 188 -32.11 -53.30 58.12
N ASN B 189 -30.91 -53.67 58.52
CA ASN B 189 -29.92 -54.10 57.56
C ASN B 189 -29.35 -55.48 57.90
N ASN B 190 -30.23 -56.42 58.24
CA ASN B 190 -29.79 -57.77 58.58
C ASN B 190 -29.70 -58.63 57.33
N ASN B 191 -28.74 -58.33 56.46
CA ASN B 191 -28.56 -59.08 55.23
C ASN B 191 -27.08 -59.28 54.93
N ALA B 192 -26.79 -59.87 53.77
CA ALA B 192 -25.41 -60.13 53.38
C ALA B 192 -24.55 -58.91 53.09
N GLN B 193 -25.18 -57.77 52.82
CA GLN B 193 -24.43 -56.56 52.51
C GLN B 193 -24.39 -55.55 53.64
N GLY B 194 -25.30 -55.69 54.59
CA GLY B 194 -25.35 -54.76 55.70
C GLY B 194 -26.05 -53.47 55.31
N GLU B 195 -26.75 -53.49 54.17
CA GLU B 195 -27.46 -52.31 53.70
C GLU B 195 -28.95 -52.35 54.00
N TYR B 196 -29.60 -51.24 53.71
CA TYR B 196 -31.04 -51.12 53.91
C TYR B 196 -31.65 -51.27 52.51
N TYR B 197 -32.33 -52.40 52.30
CA TYR B 197 -32.98 -52.71 51.03
C TYR B 197 -34.39 -52.15 51.01
N ILE B 198 -34.76 -51.45 49.95
CA ILE B 198 -36.13 -50.91 49.85
C ILE B 198 -37.04 -52.08 49.47
N THR B 199 -36.42 -53.15 48.97
CA THR B 199 -37.13 -54.34 48.54
C THR B 199 -37.74 -55.11 49.71
N ASP B 200 -37.36 -54.72 50.93
CA ASP B 200 -37.86 -55.38 52.13
C ASP B 200 -39.30 -54.98 52.45
N ILE B 201 -39.76 -53.84 51.93
CA ILE B 201 -41.11 -53.40 52.20
C ILE B 201 -42.17 -54.33 51.61
N ILE B 202 -41.78 -55.13 50.61
CA ILE B 202 -42.73 -56.05 50.00
C ILE B 202 -43.17 -57.07 51.04
N ALA B 203 -42.20 -57.68 51.73
CA ALA B 203 -42.54 -58.65 52.77
C ALA B 203 -43.21 -57.93 53.93
N LEU B 204 -42.89 -56.65 54.10
CA LEU B 204 -43.49 -55.86 55.16
C LEU B 204 -44.97 -55.66 54.85
N ALA B 205 -45.26 -54.96 53.76
CA ALA B 205 -46.65 -54.71 53.35
C ALA B 205 -47.44 -56.02 53.42
N TYR B 206 -46.93 -57.05 52.78
CA TYR B 206 -47.58 -58.36 52.76
C TYR B 206 -47.88 -58.84 54.16
N GLN B 207 -47.05 -58.46 55.12
CA GLN B 207 -47.25 -58.88 56.51
C GLN B 207 -48.45 -58.19 57.11
N GLU B 208 -48.70 -56.95 56.70
CA GLU B 208 -49.84 -56.23 57.24
C GLU B 208 -51.12 -56.75 56.59
N GLY B 209 -50.95 -57.77 55.74
CA GLY B 209 -52.08 -58.37 55.05
C GLY B 209 -52.46 -57.55 53.82
N ARG B 210 -51.62 -56.57 53.49
CA ARG B 210 -51.85 -55.72 52.34
C ARG B 210 -51.63 -56.51 51.06
N GLU B 211 -52.20 -56.05 49.96
CA GLU B 211 -52.06 -56.75 48.70
C GLU B 211 -51.00 -56.17 47.75
N ILE B 212 -50.15 -57.04 47.23
CA ILE B 212 -49.11 -56.63 46.31
C ILE B 212 -49.50 -57.18 44.94
N VAL B 213 -49.66 -56.30 43.95
CA VAL B 213 -50.02 -56.74 42.62
C VAL B 213 -48.81 -56.62 41.69
N ALA B 214 -48.51 -57.68 40.95
CA ALA B 214 -47.37 -57.68 40.03
C ALA B 214 -47.83 -57.37 38.62
N VAL B 215 -47.14 -56.42 37.97
CA VAL B 215 -47.49 -56.05 36.62
C VAL B 215 -46.29 -56.32 35.74
N HIS B 216 -46.53 -56.61 34.47
CA HIS B 216 -45.46 -56.90 33.55
C HIS B 216 -45.35 -55.85 32.44
N PRO B 217 -44.14 -55.64 31.92
CA PRO B 217 -43.92 -54.66 30.87
C PRO B 217 -44.36 -55.12 29.49
N GLN B 218 -44.16 -54.26 28.49
CA GLN B 218 -44.50 -54.58 27.12
C GLN B 218 -43.35 -55.37 26.51
N ARG B 219 -42.13 -54.93 26.80
CA ARG B 219 -40.95 -55.60 26.28
C ARG B 219 -39.97 -55.80 27.41
N LEU B 220 -39.17 -56.86 27.32
CA LEU B 220 -38.18 -57.13 28.33
C LEU B 220 -37.21 -55.97 28.41
N SER B 221 -36.85 -55.46 27.24
CA SER B 221 -35.91 -54.35 27.13
C SER B 221 -36.19 -53.17 28.05
N GLU B 222 -37.44 -52.74 28.12
CA GLU B 222 -37.76 -51.59 28.95
C GLU B 222 -37.52 -51.73 30.45
N VAL B 223 -37.24 -52.93 30.91
CA VAL B 223 -37.02 -53.14 32.34
C VAL B 223 -35.64 -53.70 32.69
N GLU B 224 -34.75 -53.76 31.70
CA GLU B 224 -33.41 -54.28 31.95
C GLU B 224 -32.58 -53.21 32.63
N GLY B 225 -31.84 -53.60 33.66
CA GLY B 225 -31.00 -52.64 34.38
C GLY B 225 -29.56 -52.67 33.92
N VAL B 226 -28.80 -51.65 34.30
CA VAL B 226 -27.40 -51.55 33.92
C VAL B 226 -26.50 -51.39 35.12
N ASN B 227 -25.67 -52.39 35.39
CA ASN B 227 -24.77 -52.35 36.55
C ASN B 227 -23.30 -52.38 36.13
N ASN B 228 -23.04 -52.64 34.86
CA ASN B 228 -21.69 -52.68 34.30
C ASN B 228 -21.75 -52.32 32.81
N ARG B 229 -20.60 -52.11 32.18
CA ARG B 229 -20.56 -51.73 30.75
C ARG B 229 -21.05 -52.83 29.81
N LEU B 230 -20.87 -54.09 30.20
CA LEU B 230 -21.32 -55.20 29.36
C LEU B 230 -22.83 -55.12 29.24
N GLN B 231 -23.48 -54.81 30.35
CA GLN B 231 -24.94 -54.70 30.36
C GLN B 231 -25.40 -53.46 29.60
N LEU B 232 -24.67 -52.35 29.76
CA LEU B 232 -25.04 -51.13 29.07
C LEU B 232 -24.93 -51.33 27.56
N SER B 233 -23.82 -51.94 27.13
CA SER B 233 -23.54 -52.20 25.73
C SER B 233 -24.61 -53.06 25.06
N ARG B 234 -25.00 -54.14 25.75
CA ARG B 234 -26.01 -55.02 25.21
C ARG B 234 -27.34 -54.27 25.12
N LEU B 235 -27.62 -53.45 26.12
CA LEU B 235 -28.86 -52.68 26.13
C LEU B 235 -28.83 -51.67 24.98
N GLU B 236 -27.65 -51.17 24.63
CA GLU B 236 -27.53 -50.25 23.53
C GLU B 236 -27.95 -50.98 22.25
N ARG B 237 -27.43 -52.18 22.06
CA ARG B 237 -27.74 -52.97 20.89
C ARG B 237 -29.22 -53.26 20.75
N VAL B 238 -29.85 -53.65 21.85
CA VAL B 238 -31.27 -53.96 21.83
C VAL B 238 -32.02 -52.73 21.37
N TYR B 239 -31.71 -51.61 21.99
CA TYR B 239 -32.33 -50.34 21.69
C TYR B 239 -32.20 -49.93 20.23
N GLN B 240 -30.99 -50.04 19.67
CA GLN B 240 -30.77 -49.66 18.29
C GLN B 240 -31.60 -50.59 17.39
N SER B 241 -31.64 -51.86 17.75
CA SER B 241 -32.39 -52.85 17.01
C SER B 241 -33.85 -52.45 16.93
N GLU B 242 -34.42 -51.99 18.04
CA GLU B 242 -35.82 -51.58 18.05
C GLU B 242 -36.06 -50.36 17.20
N GLN B 243 -35.14 -49.42 17.24
CA GLN B 243 -35.26 -48.19 16.46
C GLN B 243 -35.18 -48.51 14.97
N ALA B 244 -34.22 -49.35 14.61
CA ALA B 244 -34.02 -49.76 13.23
C ALA B 244 -35.26 -50.46 12.66
N GLU B 245 -35.94 -51.24 13.49
CA GLU B 245 -37.14 -51.96 13.07
C GLU B 245 -38.29 -50.99 12.81
N LYS B 246 -38.44 -50.01 13.68
CA LYS B 246 -39.50 -49.02 13.53
C LYS B 246 -39.27 -48.25 12.24
N LEU B 247 -38.03 -47.83 12.00
CA LEU B 247 -37.69 -47.08 10.79
C LEU B 247 -37.97 -47.86 9.52
N LEU B 248 -37.60 -49.14 9.52
CA LEU B 248 -37.84 -49.99 8.35
C LEU B 248 -39.34 -50.19 8.12
N LEU B 249 -40.08 -50.42 9.20
CA LEU B 249 -41.52 -50.61 9.08
C LEU B 249 -42.19 -49.32 8.62
N ALA B 250 -41.52 -48.19 8.83
CA ALA B 250 -42.07 -46.90 8.43
C ALA B 250 -41.68 -46.53 7.01
N GLY B 251 -40.94 -47.40 6.34
CA GLY B 251 -40.56 -47.12 4.97
C GLY B 251 -39.13 -46.68 4.72
N VAL B 252 -38.29 -46.72 5.74
CA VAL B 252 -36.90 -46.34 5.57
C VAL B 252 -36.12 -47.62 5.27
N MET B 253 -35.38 -47.66 4.18
CA MET B 253 -34.64 -48.85 3.84
C MET B 253 -33.23 -48.84 4.42
N LEU B 254 -32.97 -49.74 5.35
CA LEU B 254 -31.65 -49.86 5.96
C LEU B 254 -31.04 -51.14 5.40
N ARG B 255 -29.90 -51.01 4.75
CA ARG B 255 -29.24 -52.18 4.16
C ARG B 255 -28.97 -53.28 5.18
N ASP B 256 -28.54 -52.90 6.38
CA ASP B 256 -28.28 -53.88 7.42
C ASP B 256 -28.68 -53.25 8.75
N PRO B 257 -29.79 -53.72 9.34
CA PRO B 257 -30.32 -53.23 10.62
C PRO B 257 -29.35 -53.37 11.80
N ALA B 258 -28.48 -54.37 11.73
CA ALA B 258 -27.51 -54.62 12.77
C ALA B 258 -26.35 -53.62 12.67
N ARG B 259 -26.29 -52.88 11.56
CA ARG B 259 -25.22 -51.92 11.36
C ARG B 259 -25.73 -50.52 11.09
N PHE B 260 -26.56 -50.03 11.99
CA PHE B 260 -27.12 -48.69 11.88
C PHE B 260 -27.17 -48.20 13.32
N ASP B 261 -26.91 -46.92 13.53
CA ASP B 261 -26.95 -46.38 14.87
C ASP B 261 -27.63 -45.02 14.86
N LEU B 262 -28.68 -44.88 15.66
CA LEU B 262 -29.40 -43.63 15.75
C LEU B 262 -29.24 -43.10 17.15
N ARG B 263 -28.50 -42.01 17.29
CA ARG B 263 -28.25 -41.38 18.58
C ARG B 263 -28.93 -40.02 18.59
N GLY B 264 -30.25 -40.04 18.45
CA GLY B 264 -30.99 -38.80 18.44
C GLY B 264 -32.33 -38.94 17.73
N THR B 265 -32.65 -37.95 16.91
CA THR B 265 -33.92 -37.92 16.21
C THR B 265 -33.72 -37.85 14.71
N LEU B 266 -34.55 -38.57 13.99
CA LEU B 266 -34.44 -38.56 12.54
C LEU B 266 -35.80 -38.36 11.90
N THR B 267 -35.91 -37.33 11.07
CA THR B 267 -37.13 -37.06 10.34
C THR B 267 -36.76 -37.45 8.91
N HIS B 268 -37.64 -38.20 8.26
CA HIS B 268 -37.35 -38.68 6.92
C HIS B 268 -38.53 -38.56 5.98
N GLY B 269 -38.23 -38.54 4.69
CA GLY B 269 -39.27 -38.48 3.69
C GLY B 269 -39.49 -39.87 3.16
N ARG B 270 -40.00 -39.99 1.94
CA ARG B 270 -40.24 -41.29 1.32
C ARG B 270 -39.03 -41.80 0.57
N ASP B 271 -38.91 -43.12 0.53
CA ASP B 271 -37.83 -43.79 -0.18
C ASP B 271 -36.39 -43.40 0.14
N VAL B 272 -36.13 -43.16 1.42
CA VAL B 272 -34.78 -42.83 1.85
C VAL B 272 -34.04 -44.15 1.97
N GLU B 273 -32.79 -44.19 1.50
CA GLU B 273 -32.01 -45.41 1.57
C GLU B 273 -30.70 -45.21 2.31
N ILE B 274 -30.47 -46.00 3.35
CA ILE B 274 -29.26 -45.90 4.14
C ILE B 274 -28.45 -47.20 4.12
N ASP B 275 -27.20 -47.13 3.65
CA ASP B 275 -26.36 -48.30 3.59
C ASP B 275 -25.77 -48.67 4.95
N THR B 276 -24.89 -49.65 4.97
CA THR B 276 -24.28 -50.14 6.21
C THR B 276 -23.37 -49.18 6.96
N ASN B 277 -23.30 -49.40 8.27
CA ASN B 277 -22.45 -48.62 9.16
C ASN B 277 -22.62 -47.11 9.12
N VAL B 278 -23.86 -46.67 9.20
CA VAL B 278 -24.15 -45.24 9.19
C VAL B 278 -24.52 -44.84 10.60
N ILE B 279 -24.07 -43.67 11.01
CA ILE B 279 -24.39 -43.18 12.34
C ILE B 279 -25.06 -41.83 12.21
N ILE B 280 -26.19 -41.67 12.89
CA ILE B 280 -26.93 -40.42 12.84
C ILE B 280 -27.05 -39.87 14.25
N GLU B 281 -26.52 -38.67 14.47
CA GLU B 281 -26.57 -38.05 15.79
C GLU B 281 -27.39 -36.78 15.82
N GLY B 282 -27.90 -36.46 17.01
CA GLY B 282 -28.70 -35.26 17.16
C GLY B 282 -29.92 -35.28 16.29
N ASN B 283 -30.41 -34.10 15.92
CA ASN B 283 -31.58 -34.02 15.07
C ASN B 283 -31.21 -33.91 13.61
N VAL B 284 -31.51 -34.96 12.85
CA VAL B 284 -31.21 -34.96 11.43
C VAL B 284 -32.52 -35.05 10.66
N THR B 285 -32.60 -34.32 9.55
CA THR B 285 -33.78 -34.32 8.71
C THR B 285 -33.40 -34.70 7.29
N LEU B 286 -34.05 -35.71 6.74
CA LEU B 286 -33.75 -36.14 5.37
C LEU B 286 -34.99 -36.02 4.52
N GLY B 287 -34.84 -35.43 3.34
CA GLY B 287 -35.96 -35.26 2.44
C GLY B 287 -36.31 -36.58 1.78
N HIS B 288 -37.05 -36.52 0.67
CA HIS B 288 -37.42 -37.73 -0.03
C HIS B 288 -36.31 -38.27 -0.90
N ARG B 289 -36.30 -39.59 -1.07
CA ARG B 289 -35.33 -40.25 -1.91
C ARG B 289 -33.87 -39.94 -1.63
N VAL B 290 -33.53 -39.62 -0.39
CA VAL B 290 -32.15 -39.35 -0.05
C VAL B 290 -31.42 -40.70 0.02
N LYS B 291 -30.22 -40.77 -0.52
CA LYS B 291 -29.46 -42.01 -0.47
C LYS B 291 -28.16 -41.75 0.29
N ILE B 292 -27.96 -42.47 1.39
CA ILE B 292 -26.74 -42.30 2.17
C ILE B 292 -25.86 -43.53 2.03
N GLY B 293 -24.62 -43.31 1.61
CA GLY B 293 -23.68 -44.40 1.43
C GLY B 293 -23.13 -44.97 2.72
N THR B 294 -22.38 -46.06 2.60
CA THR B 294 -21.78 -46.71 3.76
C THR B 294 -20.76 -45.85 4.50
N GLY B 295 -20.68 -46.06 5.81
CA GLY B 295 -19.71 -45.33 6.63
C GLY B 295 -20.02 -43.91 7.03
N CYS B 296 -21.03 -43.30 6.42
CA CYS B 296 -21.38 -41.92 6.73
C CYS B 296 -21.77 -41.63 8.17
N VAL B 297 -21.41 -40.44 8.62
CA VAL B 297 -21.71 -39.97 9.96
C VAL B 297 -22.39 -38.62 9.76
N ILE B 298 -23.67 -38.53 10.07
CA ILE B 298 -24.42 -37.30 9.91
C ILE B 298 -24.94 -36.82 11.25
N LYS B 299 -24.54 -35.60 11.61
CA LYS B 299 -24.93 -35.04 12.89
C LYS B 299 -25.61 -33.68 12.75
N ASN B 300 -26.73 -33.49 13.44
CA ASN B 300 -27.48 -32.24 13.42
C ASN B 300 -27.54 -31.57 12.04
N SER B 301 -28.01 -32.28 11.02
CA SER B 301 -28.08 -31.69 9.69
C SER B 301 -29.42 -31.81 9.00
N VAL B 302 -29.57 -31.04 7.92
CA VAL B 302 -30.78 -31.03 7.11
C VAL B 302 -30.35 -31.37 5.68
N ILE B 303 -30.86 -32.47 5.15
CA ILE B 303 -30.54 -32.93 3.79
C ILE B 303 -31.80 -32.88 2.94
N GLY B 304 -31.76 -32.17 1.83
CA GLY B 304 -32.93 -32.06 0.97
C GLY B 304 -33.30 -33.29 0.16
N ASP B 305 -34.32 -33.17 -0.66
CA ASP B 305 -34.78 -34.27 -1.49
C ASP B 305 -33.76 -34.65 -2.56
N ASP B 306 -33.69 -35.94 -2.84
CA ASP B 306 -32.80 -36.46 -3.88
C ASP B 306 -31.32 -36.24 -3.68
N CYS B 307 -30.90 -35.92 -2.47
CA CYS B 307 -29.49 -35.74 -2.20
C CYS B 307 -28.84 -37.09 -2.16
N GLU B 308 -27.55 -37.13 -2.53
CA GLU B 308 -26.81 -38.36 -2.55
C GLU B 308 -25.50 -38.25 -1.81
N ILE B 309 -25.44 -38.88 -0.64
CA ILE B 309 -24.24 -38.86 0.16
C ILE B 309 -23.42 -40.11 -0.11
N SER B 310 -22.24 -39.92 -0.69
CA SER B 310 -21.36 -41.03 -1.01
C SER B 310 -20.69 -41.56 0.24
N PRO B 311 -20.11 -42.77 0.16
CA PRO B 311 -19.41 -43.43 1.27
C PRO B 311 -18.43 -42.58 2.03
N TYR B 312 -18.25 -42.92 3.29
CA TYR B 312 -17.31 -42.26 4.18
C TYR B 312 -17.29 -40.75 4.12
N THR B 313 -18.46 -40.16 4.36
CA THR B 313 -18.61 -38.73 4.36
C THR B 313 -19.06 -38.35 5.76
N VAL B 314 -18.48 -37.28 6.29
CA VAL B 314 -18.83 -36.81 7.62
C VAL B 314 -19.52 -35.47 7.45
N VAL B 315 -20.71 -35.34 8.02
CA VAL B 315 -21.49 -34.11 7.91
C VAL B 315 -22.00 -33.65 9.25
N GLU B 316 -21.71 -32.40 9.60
CA GLU B 316 -22.16 -31.85 10.87
C GLU B 316 -22.66 -30.41 10.77
N ASP B 317 -23.84 -30.17 11.31
CA ASP B 317 -24.42 -28.84 11.27
C ASP B 317 -24.33 -28.27 9.88
N ALA B 318 -24.71 -29.08 8.90
CA ALA B 318 -24.65 -28.68 7.52
C ALA B 318 -26.06 -28.52 6.98
N ASN B 319 -26.17 -27.88 5.84
CA ASN B 319 -27.44 -27.64 5.20
C ASN B 319 -27.34 -27.90 3.72
N LEU B 320 -27.91 -29.02 3.28
CA LEU B 320 -27.86 -29.36 1.87
C LEU B 320 -29.21 -29.21 1.19
N ALA B 321 -29.24 -28.44 0.11
CA ALA B 321 -30.47 -28.25 -0.62
C ALA B 321 -30.78 -29.51 -1.41
N ALA B 322 -31.82 -29.46 -2.22
CA ALA B 322 -32.22 -30.59 -3.03
C ALA B 322 -31.19 -30.96 -4.08
N ALA B 323 -31.12 -32.26 -4.37
CA ALA B 323 -30.24 -32.82 -5.39
C ALA B 323 -28.74 -32.57 -5.31
N CYS B 324 -28.18 -32.47 -4.12
CA CYS B 324 -26.75 -32.27 -4.00
C CYS B 324 -26.08 -33.62 -3.95
N THR B 325 -24.83 -33.70 -4.38
CA THR B 325 -24.09 -34.93 -4.32
C THR B 325 -22.78 -34.60 -3.64
N ILE B 326 -22.48 -35.31 -2.56
CA ILE B 326 -21.25 -35.06 -1.82
C ILE B 326 -20.50 -36.35 -1.52
N GLY B 327 -19.19 -36.24 -1.40
CA GLY B 327 -18.36 -37.40 -1.10
C GLY B 327 -17.93 -38.10 -2.37
N PRO B 328 -17.24 -39.23 -2.24
CA PRO B 328 -16.87 -39.82 -0.95
C PRO B 328 -15.73 -39.07 -0.28
N PHE B 329 -15.51 -39.36 0.99
CA PHE B 329 -14.43 -38.76 1.73
C PHE B 329 -14.50 -37.23 1.79
N ALA B 330 -15.72 -36.72 2.00
CA ALA B 330 -15.92 -35.28 2.13
C ALA B 330 -16.15 -34.99 3.60
N ARG B 331 -15.82 -33.80 4.03
CA ARG B 331 -16.02 -33.43 5.42
C ARG B 331 -16.66 -32.05 5.52
N LEU B 332 -17.93 -32.01 5.88
CA LEU B 332 -18.62 -30.73 6.02
C LEU B 332 -18.69 -30.39 7.49
N ARG B 333 -18.21 -29.20 7.84
CA ARG B 333 -18.21 -28.76 9.21
C ARG B 333 -19.34 -27.81 9.46
N PRO B 334 -19.55 -27.40 10.73
CA PRO B 334 -20.64 -26.48 11.03
C PRO B 334 -20.66 -25.24 10.16
N GLY B 335 -21.81 -24.96 9.58
CA GLY B 335 -21.93 -23.78 8.73
C GLY B 335 -21.82 -24.08 7.26
N ALA B 336 -21.52 -25.33 6.92
CA ALA B 336 -21.42 -25.70 5.52
C ALA B 336 -22.83 -25.63 4.97
N GLU B 337 -23.00 -24.95 3.86
CA GLU B 337 -24.31 -24.80 3.28
C GLU B 337 -24.25 -24.99 1.78
N LEU B 338 -25.05 -25.91 1.26
CA LEU B 338 -25.06 -26.17 -0.17
C LEU B 338 -26.41 -25.86 -0.79
N LEU B 339 -26.39 -25.11 -1.88
CA LEU B 339 -27.62 -24.76 -2.56
C LEU B 339 -27.93 -25.84 -3.57
N GLU B 340 -29.11 -25.79 -4.15
CA GLU B 340 -29.56 -26.78 -5.11
C GLU B 340 -28.55 -27.24 -6.15
N GLY B 341 -28.43 -28.56 -6.28
CA GLY B 341 -27.54 -29.15 -7.26
C GLY B 341 -26.04 -29.03 -7.05
N ALA B 342 -25.61 -28.52 -5.90
CA ALA B 342 -24.18 -28.38 -5.67
C ALA B 342 -23.52 -29.74 -5.60
N HIS B 343 -22.20 -29.76 -5.75
CA HIS B 343 -21.46 -31.00 -5.69
C HIS B 343 -20.11 -30.85 -4.99
N VAL B 344 -19.86 -31.68 -4.00
CA VAL B 344 -18.59 -31.68 -3.30
C VAL B 344 -17.95 -33.06 -3.53
N GLY B 345 -16.71 -33.07 -4.00
CA GLY B 345 -16.01 -34.31 -4.28
C GLY B 345 -15.23 -34.91 -3.13
N ASN B 346 -14.22 -35.71 -3.45
CA ASN B 346 -13.43 -36.36 -2.41
C ASN B 346 -12.28 -35.52 -1.86
N PHE B 347 -12.04 -35.68 -0.57
CA PHE B 347 -10.98 -34.98 0.13
C PHE B 347 -11.20 -33.48 0.12
N VAL B 348 -12.45 -33.08 0.35
CA VAL B 348 -12.84 -31.68 0.41
C VAL B 348 -13.41 -31.37 1.79
N GLU B 349 -13.02 -30.25 2.36
CA GLU B 349 -13.51 -29.85 3.66
C GLU B 349 -14.19 -28.51 3.51
N MET B 350 -15.32 -28.35 4.19
CA MET B 350 -16.07 -27.12 4.14
C MET B 350 -16.43 -26.70 5.54
N LYS B 351 -16.25 -25.41 5.84
CA LYS B 351 -16.56 -24.88 7.16
C LYS B 351 -17.05 -23.46 7.01
N LYS B 352 -18.22 -23.19 7.55
CA LYS B 352 -18.81 -21.86 7.45
C LYS B 352 -18.67 -21.31 6.04
N ALA B 353 -18.99 -22.14 5.06
CA ALA B 353 -18.89 -21.74 3.66
C ALA B 353 -20.15 -22.13 2.93
N ARG B 354 -20.57 -21.30 1.97
CA ARG B 354 -21.77 -21.58 1.21
C ARG B 354 -21.43 -21.78 -0.25
N LEU B 355 -21.94 -22.87 -0.83
CA LEU B 355 -21.72 -23.20 -2.22
C LEU B 355 -23.02 -22.98 -2.99
N GLY B 356 -22.98 -22.09 -3.97
CA GLY B 356 -24.18 -21.79 -4.74
C GLY B 356 -24.74 -22.87 -5.64
N LYS B 357 -25.84 -22.54 -6.30
CA LYS B 357 -26.54 -23.45 -7.19
C LYS B 357 -25.65 -23.99 -8.30
N GLY B 358 -25.64 -25.31 -8.43
CA GLY B 358 -24.85 -25.95 -9.47
C GLY B 358 -23.36 -25.75 -9.39
N SER B 359 -22.84 -25.27 -8.27
CA SER B 359 -21.40 -25.05 -8.14
C SER B 359 -20.70 -26.34 -7.77
N LYS B 360 -19.44 -26.47 -8.16
CA LYS B 360 -18.70 -27.69 -7.89
C LYS B 360 -17.33 -27.50 -7.27
N ALA B 361 -17.02 -28.30 -6.25
CA ALA B 361 -15.74 -28.31 -5.56
C ALA B 361 -15.42 -29.81 -5.44
N GLY B 362 -14.81 -30.36 -6.50
CA GLY B 362 -14.54 -31.78 -6.54
C GLY B 362 -13.30 -32.46 -5.96
N HIS B 363 -12.23 -31.74 -5.63
CA HIS B 363 -11.08 -32.45 -5.10
C HIS B 363 -10.04 -31.64 -4.33
N LEU B 364 -9.52 -32.29 -3.29
CA LEU B 364 -8.47 -31.75 -2.44
C LEU B 364 -8.58 -30.26 -2.19
N THR B 365 -9.74 -29.85 -1.71
CA THR B 365 -10.00 -28.46 -1.47
C THR B 365 -10.46 -28.17 -0.06
N TYR B 366 -10.11 -26.98 0.42
CA TYR B 366 -10.56 -26.54 1.73
C TYR B 366 -11.19 -25.18 1.55
N LEU B 367 -12.46 -25.07 1.93
CA LEU B 367 -13.18 -23.81 1.82
C LEU B 367 -13.69 -23.40 3.19
N GLY B 368 -13.12 -22.33 3.74
CA GLY B 368 -13.56 -21.86 5.03
C GLY B 368 -14.05 -20.43 4.90
N ASP B 369 -15.03 -20.04 5.70
CA ASP B 369 -15.55 -18.68 5.65
C ASP B 369 -15.61 -18.11 4.25
N ALA B 370 -16.35 -18.76 3.37
CA ALA B 370 -16.46 -18.32 1.99
C ALA B 370 -17.87 -18.31 1.47
N GLU B 371 -18.15 -17.37 0.56
CA GLU B 371 -19.45 -17.26 -0.06
C GLU B 371 -19.26 -17.48 -1.55
N ILE B 372 -19.62 -18.67 -2.02
CA ILE B 372 -19.47 -19.03 -3.43
C ILE B 372 -20.80 -18.94 -4.15
N GLY B 373 -20.80 -18.23 -5.28
CA GLY B 373 -22.01 -18.06 -6.07
C GLY B 373 -22.45 -19.25 -6.89
N ASP B 374 -23.36 -19.01 -7.82
CA ASP B 374 -23.89 -20.06 -8.67
C ASP B 374 -23.03 -20.36 -9.88
N ASN B 375 -23.05 -21.62 -10.28
CA ASN B 375 -22.28 -22.06 -11.43
C ASN B 375 -20.80 -21.84 -11.32
N VAL B 376 -20.27 -21.96 -10.11
CA VAL B 376 -18.86 -21.77 -9.88
C VAL B 376 -18.16 -23.10 -9.91
N ASN B 377 -16.95 -23.11 -10.46
CA ASN B 377 -16.18 -24.32 -10.51
C ASN B 377 -14.87 -24.11 -9.78
N ILE B 378 -14.74 -24.79 -8.65
CA ILE B 378 -13.54 -24.71 -7.84
C ILE B 378 -12.61 -25.85 -8.23
N GLY B 379 -11.54 -25.51 -8.93
CA GLY B 379 -10.57 -26.51 -9.36
C GLY B 379 -9.83 -27.17 -8.22
N ALA B 380 -9.32 -28.38 -8.49
CA ALA B 380 -8.59 -29.17 -7.50
C ALA B 380 -7.48 -28.44 -6.78
N GLY B 381 -7.42 -28.63 -5.45
CA GLY B 381 -6.37 -28.01 -4.67
C GLY B 381 -6.55 -26.58 -4.23
N THR B 382 -7.69 -26.00 -4.54
CA THR B 382 -7.94 -24.63 -4.13
C THR B 382 -8.10 -24.59 -2.62
N ILE B 383 -7.57 -23.55 -2.00
CA ILE B 383 -7.66 -23.38 -0.56
C ILE B 383 -8.00 -21.91 -0.27
N THR B 384 -8.91 -21.68 0.67
CA THR B 384 -9.23 -20.31 1.04
C THR B 384 -8.48 -20.09 2.36
N CYS B 385 -7.49 -19.21 2.34
CA CYS B 385 -6.71 -18.93 3.56
C CYS B 385 -7.41 -17.81 4.30
N ASN B 386 -8.29 -18.21 5.21
CA ASN B 386 -9.12 -17.30 6.02
C ASN B 386 -8.53 -16.94 7.38
N TYR B 387 -7.29 -17.34 7.64
CA TYR B 387 -6.69 -17.07 8.93
C TYR B 387 -5.32 -16.40 8.87
N ASP B 388 -5.20 -15.27 9.56
CA ASP B 388 -3.95 -14.52 9.60
C ASP B 388 -3.21 -14.67 10.91
N GLY B 389 -3.70 -15.53 11.79
CA GLY B 389 -3.04 -15.73 13.07
C GLY B 389 -3.81 -15.17 14.24
N ALA B 390 -4.71 -14.23 13.98
CA ALA B 390 -5.49 -13.62 15.05
C ALA B 390 -6.98 -13.53 14.67
N ASN B 391 -7.23 -13.12 13.42
CA ASN B 391 -8.59 -12.98 12.95
C ASN B 391 -8.82 -13.79 11.69
N LYS B 392 -10.08 -14.10 11.42
CA LYS B 392 -10.44 -14.87 10.23
C LYS B 392 -11.18 -13.94 9.27
N PHE B 393 -10.91 -14.08 7.98
CA PHE B 393 -11.55 -13.24 6.96
C PHE B 393 -12.38 -14.03 5.97
N LYS B 394 -13.35 -13.35 5.36
CA LYS B 394 -14.26 -13.97 4.41
C LYS B 394 -13.82 -13.82 2.95
N THR B 395 -14.05 -14.86 2.16
CA THR B 395 -13.71 -14.86 0.74
C THR B 395 -15.06 -14.83 0.01
N ILE B 396 -15.16 -14.01 -1.03
CA ILE B 396 -16.41 -13.90 -1.78
C ILE B 396 -16.18 -14.17 -3.25
N ILE B 397 -16.86 -15.17 -3.79
CA ILE B 397 -16.72 -15.52 -5.19
C ILE B 397 -18.04 -15.39 -5.91
N GLY B 398 -18.07 -14.59 -6.97
CA GLY B 398 -19.29 -14.38 -7.72
C GLY B 398 -19.65 -15.49 -8.66
N ASP B 399 -20.80 -15.36 -9.31
CA ASP B 399 -21.31 -16.35 -10.24
C ASP B 399 -20.44 -16.64 -11.43
N ASP B 400 -20.58 -17.84 -11.96
CA ASP B 400 -19.86 -18.29 -13.14
C ASP B 400 -18.36 -18.14 -13.10
N VAL B 401 -17.78 -18.06 -11.92
CA VAL B 401 -16.35 -17.92 -11.83
C VAL B 401 -15.69 -19.27 -11.98
N PHE B 402 -14.50 -19.29 -12.59
CA PHE B 402 -13.75 -20.52 -12.75
C PHE B 402 -12.42 -20.33 -12.01
N VAL B 403 -12.21 -21.13 -10.98
CA VAL B 403 -11.00 -21.07 -10.17
C VAL B 403 -10.08 -22.23 -10.57
N GLY B 404 -8.97 -21.90 -11.22
CA GLY B 404 -8.02 -22.92 -11.65
C GLY B 404 -7.36 -23.69 -10.52
N SER B 405 -6.78 -24.83 -10.85
CA SER B 405 -6.11 -25.70 -9.89
C SER B 405 -5.07 -25.06 -8.99
N ASP B 406 -5.03 -25.53 -7.75
CA ASP B 406 -4.05 -25.07 -6.78
C ASP B 406 -4.01 -23.58 -6.50
N THR B 407 -5.17 -22.94 -6.55
CA THR B 407 -5.26 -21.51 -6.30
C THR B 407 -5.43 -21.23 -4.82
N GLN B 408 -4.83 -20.15 -4.35
CA GLN B 408 -4.99 -19.76 -2.95
C GLN B 408 -5.69 -18.44 -2.89
N LEU B 409 -6.71 -18.36 -2.06
CA LEU B 409 -7.44 -17.12 -1.92
C LEU B 409 -7.14 -16.63 -0.54
N VAL B 410 -6.42 -15.52 -0.47
CA VAL B 410 -6.05 -14.94 0.80
C VAL B 410 -7.14 -13.95 1.22
N ALA B 411 -8.00 -14.37 2.15
CA ALA B 411 -9.09 -13.52 2.60
C ALA B 411 -8.56 -12.31 3.34
N PRO B 412 -9.27 -11.16 3.25
CA PRO B 412 -10.52 -10.98 2.51
C PRO B 412 -10.26 -10.66 1.05
N VAL B 413 -11.05 -11.23 0.17
CA VAL B 413 -10.87 -11.01 -1.26
C VAL B 413 -12.24 -11.17 -1.92
N THR B 414 -12.45 -10.47 -3.03
CA THR B 414 -13.71 -10.56 -3.75
C THR B 414 -13.37 -10.88 -5.18
N VAL B 415 -14.03 -11.88 -5.74
CA VAL B 415 -13.79 -12.28 -7.11
C VAL B 415 -15.06 -12.04 -7.89
N GLY B 416 -15.05 -11.01 -8.72
CA GLY B 416 -16.21 -10.67 -9.53
C GLY B 416 -16.73 -11.79 -10.40
N LYS B 417 -18.02 -11.78 -10.65
CA LYS B 417 -18.68 -12.79 -11.46
C LYS B 417 -18.08 -12.94 -12.83
N GLY B 418 -18.12 -14.15 -13.36
CA GLY B 418 -17.58 -14.42 -14.68
C GLY B 418 -16.07 -14.43 -14.81
N ALA B 419 -15.36 -14.07 -13.75
CA ALA B 419 -13.90 -14.05 -13.78
C ALA B 419 -13.27 -15.43 -13.85
N THR B 420 -12.03 -15.49 -14.32
CA THR B 420 -11.31 -16.74 -14.41
C THR B 420 -10.00 -16.57 -13.66
N ILE B 421 -9.62 -17.59 -12.91
CA ILE B 421 -8.39 -17.55 -12.16
C ILE B 421 -7.48 -18.64 -12.67
N ALA B 422 -6.29 -18.25 -13.10
CA ALA B 422 -5.30 -19.17 -13.63
C ALA B 422 -4.84 -20.15 -12.57
N ALA B 423 -4.53 -21.37 -12.98
CA ALA B 423 -4.05 -22.39 -12.06
C ALA B 423 -2.80 -21.87 -11.39
N GLY B 424 -2.64 -22.19 -10.11
CA GLY B 424 -1.47 -21.76 -9.37
C GLY B 424 -1.37 -20.28 -9.00
N THR B 425 -2.49 -19.58 -9.03
CA THR B 425 -2.50 -18.17 -8.69
C THR B 425 -2.66 -17.95 -7.20
N THR B 426 -2.04 -16.89 -6.69
CA THR B 426 -2.17 -16.52 -5.28
C THR B 426 -2.95 -15.22 -5.37
N VAL B 427 -4.24 -15.29 -5.05
CA VAL B 427 -5.12 -14.13 -5.10
C VAL B 427 -5.09 -13.35 -3.80
N THR B 428 -4.54 -12.14 -3.84
CA THR B 428 -4.45 -11.29 -2.66
C THR B 428 -5.25 -10.00 -2.82
N ARG B 429 -5.73 -9.75 -4.04
CA ARG B 429 -6.50 -8.55 -4.32
C ARG B 429 -7.76 -8.94 -5.08
N ASN B 430 -8.77 -8.08 -5.05
CA ASN B 430 -10.02 -8.37 -5.74
C ASN B 430 -9.82 -8.57 -7.23
N VAL B 431 -10.70 -9.35 -7.83
CA VAL B 431 -10.65 -9.62 -9.26
C VAL B 431 -11.93 -9.09 -9.87
N GLY B 432 -11.78 -8.28 -10.92
CA GLY B 432 -12.94 -7.70 -11.57
C GLY B 432 -13.76 -8.70 -12.35
N GLU B 433 -15.00 -8.31 -12.66
CA GLU B 433 -15.89 -9.18 -13.41
C GLU B 433 -15.22 -9.49 -14.74
N ASN B 434 -15.46 -10.68 -15.25
CA ASN B 434 -14.92 -11.14 -16.53
C ASN B 434 -13.42 -11.01 -16.75
N ALA B 435 -12.64 -10.87 -15.68
CA ALA B 435 -11.20 -10.74 -15.83
C ALA B 435 -10.46 -12.01 -15.50
N LEU B 436 -9.25 -12.12 -16.02
CA LEU B 436 -8.40 -13.27 -15.77
C LEU B 436 -7.32 -12.84 -14.78
N ALA B 437 -7.37 -13.42 -13.60
CA ALA B 437 -6.39 -13.12 -12.56
C ALA B 437 -5.25 -14.10 -12.74
N ILE B 438 -4.02 -13.61 -12.66
CA ILE B 438 -2.87 -14.48 -12.83
C ILE B 438 -1.66 -13.94 -12.06
N SER B 439 -0.75 -14.82 -11.73
CA SER B 439 0.46 -14.45 -11.01
C SER B 439 1.41 -15.62 -11.15
N ARG B 440 1.84 -15.87 -12.38
CA ARG B 440 2.72 -16.99 -12.64
C ARG B 440 4.02 -16.64 -13.32
N VAL B 441 5.03 -17.46 -13.02
CA VAL B 441 6.37 -17.35 -13.57
C VAL B 441 6.40 -18.16 -14.86
N PRO B 442 7.02 -17.62 -15.91
CA PRO B 442 7.08 -18.38 -17.17
C PRO B 442 7.91 -19.65 -16.97
N GLN B 443 7.41 -20.75 -17.51
CA GLN B 443 8.10 -22.01 -17.36
C GLN B 443 9.37 -22.04 -18.20
N THR B 444 10.52 -22.27 -17.57
CA THR B 444 11.77 -22.37 -18.30
C THR B 444 12.25 -23.81 -18.24
N GLN B 445 13.36 -24.10 -18.91
CA GLN B 445 13.88 -25.45 -18.98
C GLN B 445 15.41 -25.47 -18.90
N LYS B 446 15.95 -26.50 -18.27
CA LYS B 446 17.40 -26.67 -18.11
C LYS B 446 17.73 -28.00 -18.79
N GLU B 447 18.27 -27.90 -20.00
CA GLU B 447 18.63 -29.02 -20.89
C GLU B 447 19.15 -30.40 -20.46
N GLY B 448 20.29 -30.46 -19.80
CA GLY B 448 20.81 -31.77 -19.41
C GLY B 448 20.99 -31.84 -17.91
N TRP B 449 19.88 -31.74 -17.19
CA TRP B 449 19.89 -31.76 -15.75
C TRP B 449 20.12 -33.12 -15.10
N ARG B 450 21.10 -33.15 -14.19
CA ARG B 450 21.47 -34.37 -13.47
C ARG B 450 20.73 -34.61 -12.17
N ARG B 451 19.92 -35.66 -12.12
CA ARG B 451 19.22 -36.02 -10.90
C ARG B 451 20.21 -36.96 -10.21
N PRO B 452 20.50 -36.73 -8.90
CA PRO B 452 21.44 -37.63 -8.20
C PRO B 452 21.07 -39.10 -8.32
CO CO C . 17.78 -1.05 -18.04
CO CO D . 19.72 1.64 -19.52
N1A COA E . 16.48 -12.40 -6.51
C2A COA E . 16.72 -12.31 -5.18
N3A COA E . 17.88 -12.60 -4.54
C4A COA E . 18.85 -13.01 -5.41
C5A COA E . 18.74 -13.15 -6.81
C6A COA E . 17.47 -12.82 -7.36
N6A COA E . 17.19 -12.89 -8.67
N7A COA E . 19.95 -13.59 -7.35
C8A COA E . 20.74 -13.70 -6.29
N9A COA E . 20.14 -13.37 -5.09
C1B COA E . 20.74 -13.38 -3.74
C2B COA E . 21.40 -14.74 -3.36
O2B COA E . 20.57 -15.50 -2.52
C3B COA E . 22.78 -14.40 -2.81
O3B COA E . 23.03 -14.58 -1.42
P3B COA E . 22.84 -15.88 -0.51
O7A COA E . 24.24 -16.25 -0.10
O8A COA E . 22.21 -16.98 -1.34
O9A COA E . 21.98 -15.47 0.66
C4B COA E . 23.01 -12.96 -3.15
O4B COA E . 21.79 -12.40 -3.71
C5B COA E . 24.25 -12.82 -4.07
O5B COA E . 24.58 -14.07 -4.68
P1A COA E . 25.91 -14.15 -5.59
O1A COA E . 25.67 -15.26 -6.57
O2A COA E . 27.06 -14.28 -4.64
O3A COA E . 26.11 -12.79 -6.49
P2A COA E . 27.31 -11.82 -6.04
O4A COA E . 28.53 -12.05 -6.88
O5A COA E . 27.51 -11.85 -4.54
O6A COA E . 26.72 -10.36 -6.41
CBP COA E . 25.09 -8.51 -6.81
CCP COA E . 25.32 -9.93 -6.25
CDP COA E . 23.59 -8.21 -6.78
CEP COA E . 25.85 -7.51 -5.94
CAP COA E . 25.60 -8.43 -8.27
OAP COA E . 25.05 -9.45 -9.06
C9P COA E . 25.59 -7.08 -9.01
O9P COA E . 24.60 -6.68 -9.59
N8P COA E . 26.77 -6.40 -8.94
C7P COA E . 27.05 -5.09 -9.53
C6P COA E . 27.96 -5.16 -10.79
C5P COA E . 28.15 -3.81 -11.51
O5P COA E . 27.19 -3.18 -11.95
N4P COA E . 29.43 -3.35 -11.63
C3P COA E . 29.77 -2.09 -12.27
C2P COA E . 31.29 -1.85 -12.32
S1P COA E . 31.73 -0.20 -12.88
C1' UD1 F . 27.51 62.51 -37.69
C2' UD1 F . 28.17 63.91 -37.60
C3' UD1 F . 29.54 63.85 -38.32
C4' UD1 F . 30.42 62.78 -37.65
C5' UD1 F . 29.69 61.40 -37.78
C6' UD1 F . 30.47 60.28 -37.13
C7' UD1 F . 26.27 65.46 -37.64
C8' UD1 F . 25.45 66.36 -38.46
N2' UD1 F . 27.32 64.94 -38.24
O1' UD1 F . 27.26 62.19 -39.05
O3' UD1 F . 30.13 65.15 -38.24
O4' UD1 F . 31.69 62.71 -38.32
O5' UD1 F . 28.37 61.49 -37.13
O6' UD1 F . 29.71 59.07 -37.27
O7' UD1 F . 25.96 65.25 -36.46
N1 UD1 F . 20.78 59.87 -34.83
C2 UD1 F . 19.64 60.04 -34.04
N3 UD1 F . 18.67 60.83 -34.53
C4 UD1 F . 18.69 61.48 -35.71
C5 UD1 F . 19.88 61.33 -36.59
C6 UD1 F . 20.89 60.55 -36.16
O2 UD1 F . 19.44 59.53 -32.95
O4 UD1 F . 17.74 62.19 -36.04
C1B UD1 F . 21.88 59.01 -34.34
C2B UD1 F . 22.16 57.74 -35.16
O2' UD1 F . 21.29 56.68 -34.73
C3B UD1 F . 23.67 57.50 -34.90
C4B UD1 F . 24.20 58.93 -34.64
O4B UD1 F . 23.08 59.74 -34.31
O3B UD1 F . 23.81 56.75 -33.70
C5B UD1 F . 24.83 59.61 -35.88
O5B UD1 F . 23.99 59.59 -37.06
PA UD1 F . 24.55 59.33 -38.47
O1A UD1 F . 23.43 59.57 -39.44
O2A UD1 F . 25.02 57.95 -38.55
O3A UD1 F . 25.68 60.28 -38.63
PB UD1 F . 25.88 61.56 -39.47
O1B UD1 F . 24.78 62.52 -39.23
O2B UD1 F . 26.10 61.21 -40.89
CO CO G . -28.86 -51.68 39.01
CO CO H . -1.29 -27.47 -3.45
CO CO I . 0.59 -24.86 -4.89
N1A COA J . 2.05 -13.71 -16.63
C2A COA J . 1.12 -12.86 -17.13
N3A COA J . 0.37 -13.03 -18.23
C4A COA J . 0.64 -14.23 -18.85
C5A COA J . 1.57 -15.20 -18.45
C6A COA J . 2.31 -14.91 -17.26
N6A COA J . 3.24 -15.72 -16.74
N7A COA J . 1.56 -16.28 -19.33
C8A COA J . 0.65 -15.95 -20.23
N9A COA J . 0.06 -14.73 -20.00
C1B COA J . -1.01 -14.09 -20.81
C2B COA J . -0.74 -14.07 -22.34
O2B COA J . -0.12 -12.88 -22.78
C3B COA J . -2.07 -14.43 -22.99
O3B COA J . -2.85 -13.37 -23.55
P3B COA J . -2.43 -12.26 -24.64
O7A COA J . -3.49 -12.36 -25.69
O8A COA J . -1.05 -12.61 -25.18
O9A COA J . -2.42 -10.92 -23.93
C4B COA J . -2.89 -15.07 -21.91
O4B COA J . -2.20 -14.86 -20.64
C5B COA J . -3.08 -16.57 -22.21
O5B COA J . -2.06 -17.07 -23.05
P1A COA J . -2.15 -18.61 -23.54
O1A COA J . -0.72 -19.03 -23.80
O2A COA J . -3.13 -18.67 -24.66
O3A COA J . -2.69 -19.52 -22.27
P2A COA J . -4.14 -20.23 -22.46
O4A COA J . -3.95 -21.61 -22.99
O5A COA J . -5.08 -19.34 -23.20
O6A COA J . -4.66 -20.35 -20.94
CBP COA J . -4.78 -19.95 -18.44
CCP COA J . -4.22 -19.52 -19.81
CDP COA J . -6.30 -19.79 -18.45
CEP COA J . -4.16 -19.02 -17.40
CAP COA J . -4.39 -21.43 -18.14
OAP COA J . -3.01 -21.63 -18.29
C9P COA J . -4.92 -22.10 -16.85
O9P COA J . -4.47 -21.83 -15.74
N8P COA J . -5.92 -23.02 -17.07
C7P COA J . -6.60 -23.79 -16.03
C6P COA J . -6.04 -25.22 -15.89
C5P COA J . -6.69 -26.02 -14.75
O5P COA J . -6.91 -25.49 -13.65
N4P COA J . -7.02 -27.31 -15.04
C3P COA J . -7.65 -28.21 -14.08
C2P COA J . -8.43 -29.33 -14.78
S1P COA J . -10.20 -29.25 -14.46
C1' UD1 K . -31.57 -53.33 42.38
C2' UD1 K . -32.55 -54.04 43.36
C3' UD1 K . -32.88 -55.44 42.77
C4' UD1 K . -33.51 -55.28 41.41
C5' UD1 K . -32.49 -54.55 40.49
C6' UD1 K . -33.10 -54.33 39.11
C7' UD1 K . -32.31 -53.33 45.67
C8' UD1 K . -31.97 -53.74 47.04
N2' UD1 K . -31.96 -54.16 44.70
O1' UD1 K . -30.34 -54.11 42.32
O3' UD1 K . -33.80 -56.09 43.66
O4' UD1 K . -33.80 -56.56 40.85
O5' UD1 K . -32.15 -53.25 41.07
O6' UD1 K . -32.25 -53.50 38.34
O7' UD1 K . -32.90 -52.28 45.48
N1 UD1 K . -29.04 -46.13 44.65
C2 UD1 K . -29.07 -44.96 45.39
N3 UD1 K . -28.52 -45.00 46.61
C4 UD1 K . -27.95 -46.06 47.18
C5 UD1 K . -27.89 -47.34 46.45
C6 UD1 K . -28.43 -47.37 45.22
O2 UD1 K . -29.55 -43.89 45.05
O4 UD1 K . -27.48 -45.98 48.31
C1B UD1 K . -29.63 -46.18 43.31
C2B UD1 K . -28.63 -46.44 42.17
O2' UD1 K . -28.01 -45.21 41.81
C3B UD1 K . -29.52 -47.12 41.09
C4B UD1 K . -30.58 -47.83 41.96
O4B UD1 K . -30.58 -47.21 43.23
O3B UD1 K . -30.19 -46.11 40.35
C5B UD1 K . -30.30 -49.34 42.22
O5B UD1 K . -28.97 -49.64 42.68
PA UD1 K . -28.13 -50.82 42.13
O1A UD1 K . -26.81 -50.74 42.82
O2A UD1 K . -27.97 -50.65 40.69
O3A UD1 K . -28.91 -52.03 42.48
PB UD1 K . -28.98 -53.47 41.90
O1B UD1 K . -27.86 -54.28 42.39
O2B UD1 K . -29.06 -53.40 40.42
#